data_6VFR
#
_entry.id   6VFR
#
_cell.length_a   126.959
_cell.length_b   176.942
_cell.length_c   71.872
_cell.angle_alpha   90.000
_cell.angle_beta   101.423
_cell.angle_gamma   90.000
#
_symmetry.space_group_name_H-M   'C 1 2 1'
#
loop_
_entity.id
_entity.type
_entity.pdbx_description
1 polymer Protocadherin-18
2 branched beta-D-mannopyranose-(1-4)-2-acetamido-2-deoxy-beta-D-glucopyranose-(1-4)-[alpha-L-fucopyranose-(1-6)]2-acetamido-2-deoxy-beta-D-glucopyranose
3 branched alpha-L-fucopyranose-(1-3)-2-acetamido-2-deoxy-beta-D-glucopyranose
4 branched 2-acetamido-2-deoxy-beta-D-glucopyranose-(1-4)-[alpha-L-fucopyranose-(1-6)]2-acetamido-2-deoxy-beta-D-glucopyranose
5 branched alpha-D-mannopyranose-(1-3)-[alpha-D-mannopyranose-(1-6)]beta-D-mannopyranose-(1-4)-2-acetamido-2-deoxy-beta-D-glucopyranose-(1-4)-[alpha-L-fucopyranose-(1-6)]2-acetamido-2-deoxy-beta-D-glucopyranose
6 non-polymer 'CALCIUM ION'
7 non-polymer 1,2-ETHANEDIOL
8 non-polymer 'SODIUM ION'
9 non-polymer 2-acetamido-2-deoxy-beta-D-glucopyranose
10 water water
#
_entity_poly.entity_id   1
_entity_poly.type   'polypeptide(L)'
_entity_poly.pdbx_seq_one_letter_code
;KNLKYRIYEEQRVGSVIARLSEDVADVLLKLPNPSTVRFRAMQRGNSPLLVVNEDNGEISIGATIDREQLCQKNLNCSIE
FDVITLPTEHLQLFHIEVEVLDINDNSPQFSRSLIPIEISESAAVGTRIPLDSAFDPDVGENSLHTYSLSANDFFNIEVR
TRTDGAKYAELIVVRELDRELKSSYELQLTASDMGVPQRSGSSILKISISDSNDNSPAFEQQSYIIQLLENSPVGTLLLD
LNATDPDEGANGKIVYSFSSHVSPKIMETFKIDSERGHLTLFKQVDYEITKSYEIDVQAQDLGPNSIPAHCKIIIKVVDV
NDNKPEININLMSPGKEEISYIFEGDPIDTFVALVRVQDKDSGLNGEIVCKLHGHGHFKLQKTYENNYLILTNATLDREK
RSEYSLTVIAEDRGTPSLSTVKHFTVQINDHHHHHH
;
_entity_poly.pdbx_strand_id   A,B
#
# COMPACT_ATOMS: atom_id res chain seq x y z
N LYS A 1 5.04 -69.42 -32.84
CA LYS A 1 4.66 -68.34 -33.81
C LYS A 1 4.16 -67.12 -33.08
N ASN A 2 4.31 -65.95 -33.72
CA ASN A 2 3.91 -64.68 -33.13
C ASN A 2 2.66 -64.16 -33.83
N LEU A 3 1.68 -63.75 -33.02
CA LEU A 3 0.41 -63.20 -33.51
C LEU A 3 0.19 -61.84 -32.86
N LYS A 4 -0.34 -60.90 -33.63
CA LYS A 4 -0.58 -59.55 -33.14
C LYS A 4 -2.05 -59.19 -33.34
N TYR A 5 -2.68 -58.68 -32.29
CA TYR A 5 -4.11 -58.36 -32.32
C TYR A 5 -4.34 -56.94 -31.80
N ARG A 6 -5.52 -56.41 -32.12
CA ARG A 6 -5.87 -55.00 -31.96
C ARG A 6 -7.29 -54.95 -31.45
N ILE A 7 -7.49 -54.43 -30.24
CA ILE A 7 -8.82 -54.36 -29.65
C ILE A 7 -9.02 -52.98 -29.05
N TYR A 8 -10.26 -52.69 -28.69
CA TYR A 8 -10.58 -51.52 -27.88
C TYR A 8 -10.66 -51.93 -26.41
N GLU A 9 -10.37 -50.99 -25.54
CA GLU A 9 -10.40 -51.25 -24.11
C GLU A 9 -11.85 -51.41 -23.65
N GLU A 10 -11.99 -51.95 -22.44
CA GLU A 10 -13.25 -52.01 -21.71
C GLU A 10 -14.35 -52.79 -22.46
N GLN A 11 -14.00 -53.56 -23.48
CA GLN A 11 -14.99 -54.40 -24.16
CA GLN A 11 -14.99 -54.39 -24.15
C GLN A 11 -15.55 -55.43 -23.18
N ARG A 12 -16.73 -55.92 -23.49
CA ARG A 12 -17.43 -56.84 -22.59
C ARG A 12 -16.63 -58.12 -22.37
N VAL A 13 -16.60 -58.56 -21.10
CA VAL A 13 -15.94 -59.82 -20.76
C VAL A 13 -16.57 -60.94 -21.56
N GLY A 14 -15.73 -61.83 -22.08
CA GLY A 14 -16.18 -62.95 -22.88
C GLY A 14 -16.12 -62.72 -24.37
N SER A 15 -15.93 -61.48 -24.81
CA SER A 15 -15.80 -61.21 -26.23
C SER A 15 -14.57 -61.92 -26.79
N VAL A 16 -14.69 -62.44 -28.00
CA VAL A 16 -13.60 -63.16 -28.63
C VAL A 16 -12.74 -62.17 -29.42
N ILE A 17 -11.43 -62.27 -29.24
CA ILE A 17 -10.48 -61.47 -30.00
C ILE A 17 -10.09 -62.18 -31.27
N ALA A 18 -9.72 -63.45 -31.15
CA ALA A 18 -9.33 -64.25 -32.31
C ALA A 18 -9.50 -65.71 -31.96
N ARG A 19 -9.62 -66.52 -33.00
CA ARG A 19 -9.74 -67.96 -32.88
C ARG A 19 -8.51 -68.61 -33.50
N LEU A 20 -7.72 -69.28 -32.67
CA LEU A 20 -6.49 -69.90 -33.11
C LEU A 20 -6.75 -70.80 -34.32
N SER A 21 -7.79 -71.63 -34.25
CA SER A 21 -8.15 -72.49 -35.38
C SER A 21 -8.16 -71.72 -36.70
N GLU A 22 -8.65 -70.49 -36.68
CA GLU A 22 -8.80 -69.73 -37.91
C GLU A 22 -7.50 -69.06 -38.34
N ASP A 23 -6.69 -68.61 -37.38
CA ASP A 23 -5.51 -67.80 -37.69
C ASP A 23 -4.21 -68.60 -37.77
N VAL A 24 -4.10 -69.73 -37.09
CA VAL A 24 -2.89 -70.55 -37.11
C VAL A 24 -3.12 -71.88 -37.82
N ALA A 25 -4.09 -71.91 -38.74
CA ALA A 25 -4.39 -73.14 -39.46
C ALA A 25 -3.14 -73.83 -39.98
N ASP A 26 -2.16 -73.07 -40.48
CA ASP A 26 -0.96 -73.67 -41.04
C ASP A 26 -0.19 -74.50 -40.02
N VAL A 27 -0.37 -74.24 -38.73
CA VAL A 27 0.34 -74.96 -37.68
C VAL A 27 -0.50 -76.07 -37.09
N LEU A 28 -1.76 -75.78 -36.75
CA LEU A 28 -2.59 -76.76 -36.07
C LEU A 28 -2.84 -77.98 -36.95
N LEU A 29 -3.15 -77.77 -38.23
CA LEU A 29 -3.51 -78.87 -39.12
C LEU A 29 -2.32 -79.76 -39.48
N LYS A 30 -1.09 -79.35 -39.17
CA LYS A 30 0.09 -80.14 -39.46
C LYS A 30 0.62 -80.92 -38.26
N LEU A 31 -0.15 -81.00 -37.19
CA LEU A 31 0.24 -81.77 -36.02
C LEU A 31 -0.31 -83.18 -36.13
N PRO A 32 0.19 -84.11 -35.31
CA PRO A 32 -0.44 -85.44 -35.27
C PRO A 32 -1.82 -85.35 -34.64
N ASN A 33 -2.79 -85.96 -35.30
CA ASN A 33 -4.17 -85.94 -34.82
C ASN A 33 -4.62 -84.49 -34.63
N PRO A 34 -4.75 -83.72 -35.71
CA PRO A 34 -5.11 -82.30 -35.55
C PRO A 34 -6.32 -82.05 -34.65
N SER A 35 -7.34 -82.90 -34.69
CA SER A 35 -8.55 -82.63 -33.92
C SER A 35 -8.40 -82.89 -32.43
N THR A 36 -7.32 -83.54 -31.99
CA THR A 36 -7.16 -83.89 -30.59
C THR A 36 -6.42 -82.82 -29.78
N VAL A 37 -5.76 -81.87 -30.44
CA VAL A 37 -4.97 -80.89 -29.71
C VAL A 37 -5.86 -80.10 -28.75
N ARG A 38 -5.28 -79.74 -27.61
CA ARG A 38 -5.92 -78.87 -26.64
C ARG A 38 -4.95 -77.74 -26.31
N PHE A 39 -5.48 -76.67 -25.73
CA PHE A 39 -4.70 -75.45 -25.49
C PHE A 39 -4.61 -75.15 -24.01
N ARG A 40 -3.50 -74.53 -23.63
CA ARG A 40 -3.26 -74.14 -22.25
C ARG A 40 -2.67 -72.74 -22.25
N ALA A 41 -3.25 -71.84 -21.45
CA ALA A 41 -2.76 -70.49 -21.30
C ALA A 41 -1.63 -70.44 -20.29
N MET A 42 -0.64 -69.58 -20.54
CA MET A 42 0.48 -69.37 -19.62
C MET A 42 0.32 -68.06 -18.86
N GLN A 43 -0.37 -68.14 -17.73
CA GLN A 43 -0.59 -66.99 -16.86
C GLN A 43 -0.72 -67.50 -15.42
N ARG A 44 -0.88 -66.56 -14.50
CA ARG A 44 -1.15 -66.86 -13.09
C ARG A 44 -2.65 -66.71 -12.82
N GLY A 45 -3.11 -67.35 -11.76
CA GLY A 45 -4.53 -67.35 -11.43
C GLY A 45 -5.04 -66.13 -10.67
N ASN A 46 -4.37 -64.99 -10.80
CA ASN A 46 -4.83 -63.77 -10.15
C ASN A 46 -5.84 -63.03 -11.01
N SER A 47 -5.36 -62.25 -11.98
CA SER A 47 -6.21 -61.41 -12.83
C SER A 47 -5.90 -61.68 -14.30
N PRO A 48 -6.40 -62.79 -14.84
CA PRO A 48 -6.18 -63.10 -16.26
C PRO A 48 -7.13 -62.33 -17.17
N LEU A 49 -6.58 -61.39 -17.94
CA LEU A 49 -7.41 -60.57 -18.81
C LEU A 49 -7.80 -61.32 -20.08
N LEU A 50 -6.90 -62.14 -20.61
CA LEU A 50 -7.17 -62.95 -21.78
C LEU A 50 -7.19 -64.42 -21.36
N VAL A 51 -8.11 -65.18 -21.94
CA VAL A 51 -8.22 -66.60 -21.66
C VAL A 51 -8.29 -67.36 -22.98
N VAL A 52 -7.82 -68.60 -22.96
CA VAL A 52 -7.92 -69.50 -24.11
C VAL A 52 -8.92 -70.59 -23.77
N ASN A 53 -9.74 -70.97 -24.75
CA ASN A 53 -10.61 -72.13 -24.60
C ASN A 53 -9.81 -73.38 -24.92
N GLU A 54 -9.65 -74.25 -23.92
CA GLU A 54 -8.76 -75.41 -24.07
C GLU A 54 -9.18 -76.32 -25.22
N ASP A 55 -10.45 -76.30 -25.62
CA ASP A 55 -10.94 -77.27 -26.60
C ASP A 55 -10.86 -76.76 -28.05
N ASN A 56 -11.20 -75.50 -28.30
CA ASN A 56 -11.26 -74.97 -29.66
C ASN A 56 -10.28 -73.82 -29.91
N GLY A 57 -9.58 -73.34 -28.89
CA GLY A 57 -8.60 -72.28 -29.09
C GLY A 57 -9.18 -70.90 -29.23
N GLU A 58 -10.27 -70.60 -28.52
CA GLU A 58 -10.84 -69.26 -28.52
C GLU A 58 -10.09 -68.38 -27.52
N ILE A 59 -9.59 -67.25 -27.99
CA ILE A 59 -8.99 -66.25 -27.13
C ILE A 59 -10.05 -65.20 -26.84
N SER A 60 -10.51 -65.12 -25.60
CA SER A 60 -11.56 -64.20 -25.22
C SER A 60 -11.14 -63.43 -23.99
N ILE A 61 -11.79 -62.27 -23.79
CA ILE A 61 -11.50 -61.41 -22.65
C ILE A 61 -11.96 -62.10 -21.38
N GLY A 62 -11.01 -62.35 -20.48
CA GLY A 62 -11.31 -62.98 -19.20
C GLY A 62 -11.73 -61.99 -18.13
N ALA A 63 -11.03 -60.86 -18.05
CA ALA A 63 -11.36 -59.79 -17.11
C ALA A 63 -11.31 -58.45 -17.83
N THR A 64 -11.94 -57.44 -17.22
CA THR A 64 -12.02 -56.13 -17.85
C THR A 64 -10.63 -55.59 -18.14
N ILE A 65 -10.48 -54.96 -19.31
CA ILE A 65 -9.22 -54.38 -19.77
C ILE A 65 -9.39 -52.87 -19.73
N ASP A 66 -8.82 -52.24 -18.72
CA ASP A 66 -8.81 -50.78 -18.60
C ASP A 66 -7.47 -50.26 -19.06
N ARG A 67 -7.45 -49.62 -20.23
CA ARG A 67 -6.20 -49.09 -20.75
C ARG A 67 -5.57 -48.07 -19.82
N GLU A 68 -6.40 -47.34 -19.06
CA GLU A 68 -5.88 -46.26 -18.23
C GLU A 68 -5.10 -46.79 -17.04
N GLN A 69 -5.61 -47.84 -16.37
CA GLN A 69 -4.89 -48.45 -15.26
C GLN A 69 -3.72 -49.31 -15.73
N LEU A 70 -3.64 -49.56 -17.02
CA LEU A 70 -2.69 -50.50 -17.60
C LEU A 70 -1.46 -49.80 -18.16
N CYS A 71 -1.65 -48.83 -19.06
CA CYS A 71 -0.54 -48.10 -19.66
C CYS A 71 -0.51 -46.62 -19.28
N GLN A 72 -1.47 -46.14 -18.49
CA GLN A 72 -1.49 -44.75 -18.02
C GLN A 72 -1.49 -43.84 -19.24
N LYS A 73 -0.52 -42.95 -19.40
CA LYS A 73 -0.56 -41.95 -20.46
C LYS A 73 0.35 -42.29 -21.63
N ASN A 74 0.70 -43.57 -21.81
CA ASN A 74 1.54 -43.95 -22.92
C ASN A 74 0.67 -44.14 -24.16
N LEU A 75 1.20 -43.74 -25.31
CA LEU A 75 0.45 -43.92 -26.55
C LEU A 75 0.36 -45.39 -26.93
N ASN A 76 1.45 -46.14 -26.75
CA ASN A 76 1.49 -47.56 -27.07
C ASN A 76 1.02 -48.38 -25.88
N CYS A 77 0.00 -49.22 -26.11
CA CYS A 77 -0.47 -50.14 -25.08
C CYS A 77 -0.68 -51.51 -25.70
N SER A 78 -0.18 -52.55 -25.03
CA SER A 78 -0.30 -53.91 -25.55
C SER A 78 -0.19 -54.90 -24.40
N ILE A 79 -0.97 -55.98 -24.49
CA ILE A 79 -0.94 -57.09 -23.54
C ILE A 79 -0.27 -58.28 -24.21
N GLU A 80 0.53 -59.01 -23.45
CA GLU A 80 1.22 -60.20 -23.94
C GLU A 80 0.56 -61.44 -23.34
N PHE A 81 0.45 -62.48 -24.16
CA PHE A 81 -0.27 -63.68 -23.77
C PHE A 81 0.34 -64.86 -24.50
N ASP A 82 0.86 -65.83 -23.75
CA ASP A 82 1.46 -67.02 -24.34
C ASP A 82 0.49 -68.17 -24.21
N VAL A 83 0.29 -68.90 -25.31
CA VAL A 83 -0.60 -70.06 -25.33
C VAL A 83 0.15 -71.22 -25.95
N ILE A 84 -0.05 -72.41 -25.42
CA ILE A 84 0.64 -73.58 -25.94
C ILE A 84 -0.38 -74.64 -26.28
N THR A 85 0.00 -75.51 -27.22
CA THR A 85 -0.82 -76.66 -27.60
C THR A 85 -0.41 -77.86 -26.78
N LEU A 86 -1.40 -78.62 -26.32
CA LEU A 86 -1.15 -79.92 -25.71
C LEU A 86 -1.42 -80.98 -26.77
N PRO A 87 -0.74 -82.12 -26.68
CA PRO A 87 0.22 -82.59 -25.68
C PRO A 87 1.65 -82.02 -25.82
N THR A 88 2.49 -82.29 -24.81
CA THR A 88 3.82 -81.70 -24.77
C THR A 88 4.67 -82.14 -25.96
N GLU A 89 4.45 -83.34 -26.49
CA GLU A 89 5.25 -83.82 -27.60
C GLU A 89 5.06 -82.94 -28.83
N HIS A 90 6.15 -82.27 -29.23
CA HIS A 90 6.11 -81.31 -30.33
C HIS A 90 4.97 -80.32 -30.15
N LEU A 91 4.94 -79.69 -28.98
CA LEU A 91 3.98 -78.63 -28.73
C LEU A 91 4.41 -77.36 -29.47
N GLN A 92 3.43 -76.54 -29.81
CA GLN A 92 3.68 -75.25 -30.41
C GLN A 92 3.56 -74.16 -29.36
N LEU A 93 4.22 -73.05 -29.61
CA LEU A 93 4.19 -71.89 -28.71
C LEU A 93 3.71 -70.68 -29.49
N PHE A 94 2.58 -70.13 -29.07
CA PHE A 94 2.00 -68.95 -29.71
C PHE A 94 2.18 -67.78 -28.77
N HIS A 95 3.00 -66.81 -29.20
CA HIS A 95 3.13 -65.55 -28.49
C HIS A 95 2.15 -64.56 -29.10
N ILE A 96 1.18 -64.13 -28.31
CA ILE A 96 0.07 -63.32 -28.78
C ILE A 96 0.18 -61.94 -28.17
N GLU A 97 0.17 -60.91 -29.00
CA GLU A 97 0.29 -59.53 -28.57
C GLU A 97 -0.95 -58.76 -28.99
N VAL A 98 -1.63 -58.15 -28.03
CA VAL A 98 -2.91 -57.48 -28.24
C VAL A 98 -2.73 -56.00 -27.98
N GLU A 99 -2.64 -55.20 -29.04
CA GLU A 99 -2.56 -53.76 -28.88
C GLU A 99 -3.91 -53.24 -28.43
N VAL A 100 -3.90 -52.45 -27.35
CA VAL A 100 -5.12 -51.93 -26.74
C VAL A 100 -5.30 -50.47 -27.16
N LEU A 101 -6.44 -50.18 -27.78
CA LEU A 101 -6.80 -48.82 -28.15
C LEU A 101 -7.64 -48.20 -27.04
N ASP A 102 -7.59 -46.86 -27.00
CA ASP A 102 -8.23 -46.09 -25.94
C ASP A 102 -9.59 -45.61 -26.40
N ILE A 103 -10.60 -45.76 -25.55
CA ILE A 103 -11.85 -45.08 -25.72
C ILE A 103 -11.89 -43.88 -24.77
N ASN A 104 -12.86 -42.99 -24.96
CA ASN A 104 -12.98 -41.78 -24.15
C ASN A 104 -13.94 -42.05 -22.99
N ASP A 105 -13.50 -42.91 -22.07
CA ASP A 105 -14.28 -43.28 -20.90
C ASP A 105 -13.82 -42.54 -19.65
N ASN A 106 -13.29 -41.32 -19.81
CA ASN A 106 -12.87 -40.50 -18.68
C ASN A 106 -13.00 -39.04 -19.07
N SER A 107 -13.71 -38.27 -18.25
CA SER A 107 -13.93 -36.86 -18.53
C SER A 107 -12.87 -36.00 -17.86
N PRO A 108 -12.62 -34.79 -18.37
CA PRO A 108 -11.75 -33.87 -17.64
C PRO A 108 -12.27 -33.66 -16.22
N GLN A 109 -11.35 -33.59 -15.27
CA GLN A 109 -11.71 -33.43 -13.87
C GLN A 109 -10.77 -32.44 -13.21
N PHE A 110 -11.32 -31.69 -12.25
CA PHE A 110 -10.59 -30.70 -11.49
C PHE A 110 -10.34 -31.21 -10.08
N SER A 111 -9.17 -30.89 -9.54
CA SER A 111 -8.83 -31.34 -8.19
C SER A 111 -9.84 -30.83 -7.17
N ARG A 112 -10.18 -29.54 -7.25
CA ARG A 112 -11.08 -28.90 -6.30
C ARG A 112 -12.23 -28.21 -7.02
N SER A 113 -13.42 -28.32 -6.41
CA SER A 113 -14.61 -27.73 -7.02
C SER A 113 -14.59 -26.21 -6.88
N LEU A 114 -14.07 -25.71 -5.76
CA LEU A 114 -13.90 -24.29 -5.53
C LEU A 114 -12.43 -23.92 -5.73
N ILE A 115 -12.17 -22.97 -6.62
CA ILE A 115 -10.81 -22.49 -6.84
C ILE A 115 -10.75 -21.06 -6.32
N PRO A 116 -10.31 -20.83 -5.08
CA PRO A 116 -10.25 -19.46 -4.56
C PRO A 116 -8.99 -18.76 -5.06
N ILE A 117 -9.17 -17.62 -5.72
CA ILE A 117 -8.06 -16.78 -6.15
C ILE A 117 -8.36 -15.34 -5.76
N GLU A 118 -7.31 -14.65 -5.30
CA GLU A 118 -7.41 -13.28 -4.81
C GLU A 118 -6.62 -12.36 -5.73
N ILE A 119 -7.23 -11.25 -6.12
CA ILE A 119 -6.62 -10.28 -7.03
C ILE A 119 -6.80 -8.90 -6.43
N SER A 120 -5.73 -8.12 -6.37
CA SER A 120 -5.82 -6.75 -5.90
C SER A 120 -6.30 -5.83 -7.02
N GLU A 121 -7.25 -4.95 -6.69
CA GLU A 121 -7.78 -4.03 -7.69
C GLU A 121 -6.66 -3.30 -8.42
N SER A 122 -5.49 -3.17 -7.78
CA SER A 122 -4.35 -2.52 -8.42
C SER A 122 -3.87 -3.26 -9.66
N ALA A 123 -4.12 -4.57 -9.73
CA ALA A 123 -3.58 -5.40 -10.80
C ALA A 123 -3.85 -4.79 -12.17
N ALA A 124 -2.79 -4.59 -12.94
CA ALA A 124 -2.91 -3.89 -14.21
C ALA A 124 -3.54 -4.79 -15.27
N VAL A 125 -4.24 -4.16 -16.20
CA VAL A 125 -4.74 -4.85 -17.39
C VAL A 125 -3.57 -5.58 -18.03
N GLY A 126 -3.71 -6.89 -18.17
CA GLY A 126 -2.63 -7.75 -18.67
C GLY A 126 -2.15 -8.76 -17.66
N THR A 127 -2.36 -8.50 -16.36
CA THR A 127 -1.99 -9.46 -15.33
C THR A 127 -2.50 -10.85 -15.71
N ARG A 128 -1.65 -11.85 -15.50
CA ARG A 128 -1.98 -13.23 -15.81
C ARG A 128 -1.84 -14.08 -14.56
N ILE A 129 -2.75 -15.04 -14.40
CA ILE A 129 -2.77 -15.91 -13.23
C ILE A 129 -3.04 -17.34 -13.69
N PRO A 130 -2.02 -18.21 -13.72
CA PRO A 130 -2.27 -19.61 -14.08
C PRO A 130 -3.29 -20.27 -13.17
N LEU A 131 -4.26 -20.94 -13.78
CA LEU A 131 -5.31 -21.64 -13.06
C LEU A 131 -5.02 -23.13 -12.98
N ASP A 132 -5.74 -23.79 -12.08
CA ASP A 132 -5.61 -25.23 -11.91
C ASP A 132 -5.82 -25.93 -13.25
N SER A 133 -5.07 -27.01 -13.45
CA SER A 133 -5.21 -27.82 -14.64
C SER A 133 -6.12 -29.00 -14.35
N ALA A 134 -7.02 -29.28 -15.29
CA ALA A 134 -7.85 -30.47 -15.21
C ALA A 134 -7.04 -31.71 -15.59
N PHE A 135 -7.51 -32.86 -15.14
CA PHE A 135 -6.83 -34.14 -15.37
C PHE A 135 -7.72 -35.08 -16.15
N ASP A 136 -7.18 -35.63 -17.24
CA ASP A 136 -7.90 -36.54 -18.14
C ASP A 136 -7.00 -37.73 -18.46
N PRO A 137 -7.18 -38.88 -17.79
CA PRO A 137 -6.24 -39.99 -17.99
C PRO A 137 -6.28 -40.61 -19.37
N ASP A 138 -7.19 -40.18 -20.24
CA ASP A 138 -7.23 -40.68 -21.61
C ASP A 138 -6.00 -40.20 -22.38
N VAL A 139 -5.95 -40.52 -23.67
CA VAL A 139 -4.80 -40.22 -24.51
C VAL A 139 -5.30 -39.78 -25.88
N GLY A 140 -4.43 -39.10 -26.62
CA GLY A 140 -4.75 -38.65 -27.96
C GLY A 140 -5.90 -37.68 -27.98
N GLU A 141 -6.80 -37.87 -28.93
CA GLU A 141 -7.96 -37.02 -29.10
C GLU A 141 -8.83 -37.01 -27.84
N ASN A 142 -8.77 -38.10 -27.07
CA ASN A 142 -9.59 -38.28 -25.89
C ASN A 142 -9.04 -37.52 -24.67
N SER A 143 -7.79 -37.05 -24.71
CA SER A 143 -7.25 -36.36 -23.56
C SER A 143 -7.60 -34.87 -23.60
N LEU A 144 -7.28 -34.19 -22.51
CA LEU A 144 -7.65 -32.79 -22.32
C LEU A 144 -7.22 -31.94 -23.51
N HIS A 145 -8.16 -31.17 -24.06
CA HIS A 145 -7.85 -30.34 -25.23
C HIS A 145 -7.96 -28.85 -24.96
N THR A 146 -9.10 -28.36 -24.46
CA THR A 146 -9.26 -26.92 -24.32
C THR A 146 -10.04 -26.58 -23.06
N TYR A 147 -10.03 -25.29 -22.72
CA TYR A 147 -10.78 -24.72 -21.62
C TYR A 147 -11.71 -23.63 -22.15
N SER A 148 -12.64 -23.20 -21.31
CA SER A 148 -13.56 -22.12 -21.63
C SER A 148 -14.00 -21.43 -20.35
N LEU A 149 -14.17 -20.11 -20.41
CA LEU A 149 -14.53 -19.31 -19.24
C LEU A 149 -15.91 -18.70 -19.44
N SER A 150 -16.74 -18.78 -18.41
CA SER A 150 -18.08 -18.25 -18.46
C SER A 150 -18.07 -16.76 -18.82
N ALA A 151 -19.08 -16.34 -19.58
CA ALA A 151 -19.11 -14.99 -20.11
C ALA A 151 -19.10 -13.96 -18.99
N ASN A 152 -18.31 -12.91 -19.19
CA ASN A 152 -18.19 -11.81 -18.24
C ASN A 152 -17.45 -10.69 -18.95
N ASP A 153 -17.32 -9.56 -18.26
CA ASP A 153 -16.76 -8.35 -18.84
C ASP A 153 -15.37 -7.99 -18.33
N PHE A 154 -14.82 -8.76 -17.38
CA PHE A 154 -13.56 -8.39 -16.74
C PHE A 154 -12.43 -9.40 -16.88
N PHE A 155 -12.71 -10.64 -17.26
CA PHE A 155 -11.67 -11.66 -17.31
C PHE A 155 -11.77 -12.48 -18.58
N ASN A 156 -10.61 -12.94 -19.05
CA ASN A 156 -10.50 -13.88 -20.16
C ASN A 156 -9.56 -15.00 -19.74
N ILE A 157 -9.39 -15.99 -20.62
CA ILE A 157 -8.42 -17.04 -20.41
C ILE A 157 -7.70 -17.28 -21.72
N GLU A 158 -6.42 -17.60 -21.62
CA GLU A 158 -5.65 -18.08 -22.76
C GLU A 158 -5.26 -19.52 -22.46
N VAL A 159 -5.36 -20.37 -23.47
CA VAL A 159 -5.02 -21.77 -23.32
C VAL A 159 -3.57 -21.94 -23.74
N ARG A 160 -2.79 -22.62 -22.90
CA ARG A 160 -1.36 -22.76 -23.15
C ARG A 160 -0.94 -24.19 -22.86
N THR A 161 0.28 -24.50 -23.26
CA THR A 161 0.88 -25.81 -23.02
C THR A 161 2.19 -25.59 -22.28
N ARG A 162 2.39 -26.36 -21.20
CA ARG A 162 3.63 -26.25 -20.45
C ARG A 162 4.68 -27.19 -21.04
N THR A 163 5.86 -27.20 -20.40
CA THR A 163 7.01 -27.93 -20.92
C THR A 163 6.64 -29.35 -21.34
N ASP A 164 5.92 -30.08 -20.50
CA ASP A 164 5.67 -31.49 -20.74
C ASP A 164 4.56 -31.75 -21.75
N GLY A 165 3.94 -30.72 -22.31
CA GLY A 165 2.91 -30.87 -23.30
C GLY A 165 1.50 -30.68 -22.80
N ALA A 166 1.28 -30.85 -21.50
CA ALA A 166 -0.06 -30.72 -20.94
C ALA A 166 -0.59 -29.30 -21.14
N LYS A 167 -1.91 -29.18 -21.17
CA LYS A 167 -2.56 -27.90 -21.39
C LYS A 167 -3.12 -27.34 -20.09
N TYR A 168 -3.14 -26.01 -20.01
CA TYR A 168 -3.62 -25.32 -18.82
C TYR A 168 -4.21 -23.97 -19.25
N ALA A 169 -4.99 -23.38 -18.35
CA ALA A 169 -5.67 -22.12 -18.59
C ALA A 169 -5.01 -21.02 -17.79
N GLU A 170 -4.74 -19.89 -18.43
CA GLU A 170 -4.17 -18.71 -17.79
C GLU A 170 -5.23 -17.63 -17.75
N LEU A 171 -5.58 -17.20 -16.54
CA LEU A 171 -6.55 -16.12 -16.38
C LEU A 171 -5.91 -14.80 -16.74
N ILE A 172 -6.68 -13.92 -17.38
CA ILE A 172 -6.18 -12.64 -17.85
C ILE A 172 -7.15 -11.55 -17.40
N VAL A 173 -6.61 -10.53 -16.74
CA VAL A 173 -7.39 -9.34 -16.40
C VAL A 173 -7.40 -8.44 -17.63
N VAL A 174 -8.58 -8.25 -18.22
CA VAL A 174 -8.71 -7.49 -19.44
C VAL A 174 -9.32 -6.10 -19.22
N ARG A 175 -10.03 -5.88 -18.12
CA ARG A 175 -10.58 -4.58 -17.78
C ARG A 175 -10.13 -4.18 -16.39
N GLU A 176 -9.93 -2.88 -16.19
CA GLU A 176 -9.46 -2.38 -14.90
C GLU A 176 -10.44 -2.77 -13.80
N LEU A 177 -9.93 -3.40 -12.76
CA LEU A 177 -10.75 -3.81 -11.63
C LEU A 177 -10.92 -2.66 -10.64
N ASP A 178 -12.01 -2.69 -9.90
CA ASP A 178 -12.31 -1.67 -8.90
C ASP A 178 -13.08 -2.32 -7.77
N ARG A 179 -12.41 -2.54 -6.64
CA ARG A 179 -13.06 -3.15 -5.49
C ARG A 179 -14.20 -2.28 -4.97
N GLU A 180 -14.03 -0.97 -5.02
CA GLU A 180 -15.05 -0.06 -4.53
C GLU A 180 -16.39 -0.27 -5.23
N LEU A 181 -16.38 -0.80 -6.45
CA LEU A 181 -17.60 -1.04 -7.21
C LEU A 181 -18.05 -2.50 -7.17
N LYS A 182 -17.15 -3.45 -7.47
CA LYS A 182 -17.49 -4.87 -7.44
C LYS A 182 -16.36 -5.62 -6.76
N SER A 183 -16.65 -6.20 -5.60
CA SER A 183 -15.63 -6.78 -4.75
C SER A 183 -15.35 -8.26 -5.02
N SER A 184 -16.27 -8.99 -5.64
CA SER A 184 -16.06 -10.42 -5.85
C SER A 184 -16.72 -10.86 -7.15
N TYR A 185 -16.17 -11.91 -7.74
CA TYR A 185 -16.71 -12.55 -8.93
C TYR A 185 -16.79 -14.05 -8.71
N GLU A 186 -17.63 -14.70 -9.51
CA GLU A 186 -17.82 -16.15 -9.46
C GLU A 186 -17.97 -16.63 -10.89
N LEU A 187 -16.97 -17.33 -11.43
CA LEU A 187 -16.96 -17.71 -12.83
C LEU A 187 -16.68 -19.20 -13.02
N GLN A 188 -17.26 -19.79 -14.05
CA GLN A 188 -17.14 -21.23 -14.30
C GLN A 188 -16.06 -21.49 -15.33
N LEU A 189 -15.12 -22.38 -14.99
CA LEU A 189 -14.06 -22.81 -15.89
C LEU A 189 -14.38 -24.23 -16.33
N THR A 190 -14.46 -24.44 -17.64
CA THR A 190 -14.85 -25.72 -18.22
C THR A 190 -13.72 -26.27 -19.07
N ALA A 191 -13.18 -27.41 -18.67
CA ALA A 191 -12.24 -28.17 -19.48
C ALA A 191 -12.98 -29.22 -20.30
N SER A 192 -12.56 -29.40 -21.55
CA SER A 192 -13.18 -30.38 -22.43
C SER A 192 -12.13 -31.02 -23.34
N ASP A 193 -12.30 -32.34 -23.57
CA ASP A 193 -11.43 -33.10 -24.45
C ASP A 193 -12.00 -33.10 -25.86
N MET A 194 -11.33 -33.82 -26.77
CA MET A 194 -11.73 -33.89 -28.18
C MET A 194 -12.15 -35.29 -28.58
N GLY A 195 -12.71 -36.06 -27.64
CA GLY A 195 -13.13 -37.41 -27.93
C GLY A 195 -14.55 -37.50 -28.45
N VAL A 196 -14.90 -38.70 -28.91
CA VAL A 196 -16.24 -38.99 -29.35
C VAL A 196 -16.76 -40.16 -28.52
N PRO A 197 -17.72 -39.91 -27.62
CA PRO A 197 -18.43 -38.66 -27.31
C PRO A 197 -17.58 -37.64 -26.54
N GLN A 198 -17.78 -36.35 -26.82
CA GLN A 198 -17.02 -35.30 -26.15
C GLN A 198 -17.42 -35.19 -24.69
N ARG A 199 -16.43 -35.18 -23.79
CA ARG A 199 -16.64 -35.08 -22.36
C ARG A 199 -16.14 -33.74 -21.82
N SER A 200 -16.72 -33.30 -20.71
CA SER A 200 -16.38 -32.02 -20.10
C SER A 200 -16.37 -32.14 -18.58
N GLY A 201 -15.54 -31.32 -17.95
CA GLY A 201 -15.57 -31.15 -16.51
C GLY A 201 -15.41 -29.67 -16.19
N SER A 202 -15.79 -29.30 -14.98
CA SER A 202 -15.85 -27.88 -14.66
C SER A 202 -15.58 -27.65 -13.18
N SER A 203 -15.13 -26.43 -12.90
CA SER A 203 -14.91 -25.98 -11.54
C SER A 203 -15.29 -24.50 -11.49
N ILE A 204 -15.55 -24.00 -10.28
CA ILE A 204 -15.94 -22.61 -10.10
C ILE A 204 -14.77 -21.86 -9.46
N LEU A 205 -14.46 -20.71 -10.04
CA LEU A 205 -13.45 -19.80 -9.52
C LEU A 205 -14.14 -18.71 -8.73
N LYS A 206 -13.81 -18.60 -7.44
CA LYS A 206 -14.32 -17.52 -6.60
C LYS A 206 -13.23 -16.46 -6.53
N ILE A 207 -13.34 -15.45 -7.38
CA ILE A 207 -12.36 -14.36 -7.44
C ILE A 207 -12.75 -13.34 -6.38
N SER A 208 -11.82 -13.02 -5.48
CA SER A 208 -12.04 -11.98 -4.49
C SER A 208 -11.09 -10.83 -4.79
N ILE A 209 -11.62 -9.62 -4.81
CA ILE A 209 -10.83 -8.43 -5.14
C ILE A 209 -10.45 -7.75 -3.84
N SER A 210 -9.17 -7.77 -3.52
CA SER A 210 -8.66 -7.13 -2.32
C SER A 210 -8.48 -5.63 -2.56
N ASP A 211 -8.75 -4.85 -1.50
CA ASP A 211 -8.72 -3.40 -1.63
C ASP A 211 -7.29 -2.88 -1.65
N SER A 212 -7.07 -1.86 -2.49
CA SER A 212 -5.87 -1.04 -2.42
C SER A 212 -6.28 0.41 -2.17
N ASN A 213 -5.30 1.22 -1.78
CA ASN A 213 -5.57 2.60 -1.35
C ASN A 213 -5.53 3.52 -2.57
N ASP A 214 -6.54 3.36 -3.42
CA ASP A 214 -6.67 4.14 -4.64
C ASP A 214 -7.66 5.30 -4.50
N ASN A 215 -8.07 5.63 -3.28
CA ASN A 215 -8.95 6.76 -3.02
C ASN A 215 -8.47 7.47 -1.76
N SER A 216 -8.44 8.78 -1.81
CA SER A 216 -8.09 9.59 -0.65
C SER A 216 -9.33 10.29 -0.09
N PRO A 217 -9.26 10.78 1.14
CA PRO A 217 -10.44 11.40 1.73
C PRO A 217 -10.96 12.54 0.86
N ALA A 218 -12.26 12.82 1.00
CA ALA A 218 -12.90 13.91 0.28
C ALA A 218 -13.73 14.72 1.26
N PHE A 219 -13.68 16.04 1.11
CA PHE A 219 -14.48 16.95 1.92
C PHE A 219 -15.77 17.30 1.21
N GLU A 220 -16.83 17.51 2.00
CA GLU A 220 -18.08 17.99 1.44
C GLU A 220 -17.85 19.27 0.66
N GLN A 221 -17.28 20.27 1.31
CA GLN A 221 -16.87 21.51 0.64
C GLN A 221 -15.48 21.87 1.12
N GLN A 222 -14.78 22.65 0.30
CA GLN A 222 -13.38 23.01 0.55
C GLN A 222 -13.21 24.28 1.37
N SER A 223 -14.17 25.19 1.37
CA SER A 223 -14.04 26.44 2.12
C SER A 223 -15.15 26.58 3.13
N TYR A 224 -14.85 27.35 4.17
CA TYR A 224 -15.78 27.58 5.26
C TYR A 224 -15.57 28.97 5.81
N ILE A 225 -16.66 29.67 6.09
CA ILE A 225 -16.61 30.96 6.78
C ILE A 225 -17.38 30.81 8.09
N ILE A 226 -16.69 30.98 9.20
CA ILE A 226 -17.28 30.86 10.53
C ILE A 226 -17.17 32.22 11.21
N GLN A 227 -18.28 32.68 11.79
CA GLN A 227 -18.26 33.86 12.65
C GLN A 227 -18.18 33.45 14.11
N LEU A 228 -17.39 34.19 14.88
CA LEU A 228 -17.10 33.85 16.26
C LEU A 228 -17.13 35.12 17.13
N LEU A 229 -18.00 35.11 18.14
CA LEU A 229 -18.03 36.17 19.14
C LEU A 229 -16.76 36.13 19.99
N GLU A 230 -16.10 37.27 20.12
CA GLU A 230 -14.82 37.32 20.82
C GLU A 230 -14.93 36.92 22.29
N ASN A 231 -16.14 36.68 22.79
CA ASN A 231 -16.34 36.26 24.17
C ASN A 231 -16.80 34.81 24.27
N SER A 232 -16.53 33.99 23.26
CA SER A 232 -16.94 32.60 23.31
C SER A 232 -16.02 31.82 24.26
N PRO A 233 -16.55 30.89 25.05
CA PRO A 233 -15.71 30.15 25.99
C PRO A 233 -14.80 29.15 25.28
N VAL A 234 -13.65 28.88 25.91
CA VAL A 234 -12.79 27.80 25.44
C VAL A 234 -13.60 26.52 25.36
N GLY A 235 -13.52 25.85 24.21
CA GLY A 235 -14.24 24.61 23.99
C GLY A 235 -15.40 24.73 23.04
N THR A 236 -15.80 25.95 22.67
CA THR A 236 -16.86 26.12 21.68
C THR A 236 -16.54 25.33 20.42
N LEU A 237 -17.56 24.64 19.91
CA LEU A 237 -17.44 23.90 18.66
C LEU A 237 -17.52 24.88 17.50
N LEU A 238 -16.39 25.14 16.85
CA LEU A 238 -16.42 26.00 15.68
C LEU A 238 -16.96 25.24 14.46
N LEU A 239 -16.50 24.01 14.23
CA LEU A 239 -16.98 23.30 13.06
C LEU A 239 -16.70 21.81 13.17
N ASP A 240 -17.68 20.98 12.79
CA ASP A 240 -17.51 19.53 12.75
C ASP A 240 -17.28 19.12 11.28
N LEU A 241 -16.03 18.85 10.94
CA LEU A 241 -15.69 18.47 9.58
C LEU A 241 -15.94 16.98 9.36
N ASN A 242 -16.48 16.65 8.19
CA ASN A 242 -16.73 15.27 7.81
C ASN A 242 -16.08 15.01 6.46
N ALA A 243 -15.11 14.09 6.43
CA ALA A 243 -14.49 13.62 5.21
C ALA A 243 -14.76 12.13 5.05
N THR A 244 -14.77 11.67 3.80
CA THR A 244 -15.11 10.29 3.48
C THR A 244 -14.04 9.67 2.62
N ASP A 245 -13.87 8.34 2.78
CA ASP A 245 -12.89 7.57 2.02
C ASP A 245 -13.52 6.21 1.70
N PRO A 246 -13.74 5.89 0.42
CA PRO A 246 -14.42 4.62 0.10
C PRO A 246 -13.59 3.38 0.36
N ASP A 247 -12.29 3.53 0.63
CA ASP A 247 -11.43 2.37 0.78
C ASP A 247 -11.79 1.61 2.06
N GLU A 248 -11.15 0.45 2.24
CA GLU A 248 -11.43 -0.46 3.33
C GLU A 248 -10.34 -0.39 4.38
N GLY A 249 -10.69 -0.74 5.60
CA GLY A 249 -9.71 -0.79 6.68
C GLY A 249 -8.93 0.49 6.81
N ALA A 250 -7.63 0.34 7.08
CA ALA A 250 -6.77 1.50 7.27
C ALA A 250 -6.81 2.43 6.05
N ASN A 251 -6.89 1.84 4.85
CA ASN A 251 -6.90 2.66 3.64
C ASN A 251 -8.05 3.66 3.65
N GLY A 252 -9.14 3.34 4.34
CA GLY A 252 -10.29 4.22 4.44
C GLY A 252 -10.47 4.88 5.78
N LYS A 253 -9.55 4.70 6.72
CA LYS A 253 -9.64 5.34 8.03
C LYS A 253 -8.95 6.69 7.98
N ILE A 254 -9.68 7.75 8.32
CA ILE A 254 -9.23 9.12 8.12
C ILE A 254 -8.72 9.71 9.42
N VAL A 255 -7.66 10.51 9.32
CA VAL A 255 -7.13 11.30 10.42
C VAL A 255 -7.17 12.77 10.01
N TYR A 256 -7.77 13.60 10.87
CA TYR A 256 -7.84 15.03 10.67
C TYR A 256 -6.76 15.73 11.46
N SER A 257 -6.20 16.79 10.88
CA SER A 257 -5.16 17.55 11.58
C SER A 257 -5.00 18.91 10.90
N PHE A 258 -4.29 19.79 11.59
CA PHE A 258 -3.92 21.06 10.98
C PHE A 258 -2.83 20.82 9.96
N SER A 259 -2.95 21.48 8.81
CA SER A 259 -1.93 21.35 7.79
C SER A 259 -0.55 21.58 8.40
N SER A 260 0.44 20.87 7.85
CA SER A 260 1.77 20.91 8.45
C SER A 260 2.37 22.31 8.46
N HIS A 261 1.88 23.21 7.62
CA HIS A 261 2.45 24.54 7.47
C HIS A 261 1.72 25.62 8.25
N VAL A 262 0.74 25.25 9.09
CA VAL A 262 -0.01 26.26 9.83
C VAL A 262 0.93 27.01 10.77
N SER A 263 0.62 28.28 11.01
CA SER A 263 1.43 29.08 11.91
C SER A 263 1.22 28.62 13.35
N PRO A 264 2.21 28.81 14.23
CA PRO A 264 2.03 28.42 15.64
C PRO A 264 0.86 29.09 16.33
N LYS A 265 0.55 30.34 15.98
CA LYS A 265 -0.56 31.05 16.64
C LYS A 265 -1.86 30.27 16.50
N ILE A 266 -2.15 29.78 15.29
CA ILE A 266 -3.37 29.04 15.04
C ILE A 266 -3.42 27.80 15.94
N MET A 267 -2.30 27.10 16.06
CA MET A 267 -2.25 25.93 16.94
C MET A 267 -2.38 26.34 18.39
N GLU A 268 -2.03 27.59 18.74
CA GLU A 268 -2.20 28.06 20.10
C GLU A 268 -3.66 28.32 20.45
N THR A 269 -4.47 28.75 19.48
CA THR A 269 -5.84 29.14 19.80
C THR A 269 -6.89 28.09 19.42
N PHE A 270 -6.56 27.13 18.55
CA PHE A 270 -7.54 26.17 18.06
C PHE A 270 -7.01 24.75 18.21
N LYS A 271 -7.94 23.81 18.35
CA LYS A 271 -7.61 22.38 18.40
C LYS A 271 -8.60 21.62 17.55
N ILE A 272 -8.10 20.63 16.82
CA ILE A 272 -8.92 19.81 15.95
C ILE A 272 -8.81 18.36 16.42
N ASP A 273 -9.96 17.69 16.50
CA ASP A 273 -10.00 16.30 16.93
C ASP A 273 -9.51 15.42 15.78
N SER A 274 -8.49 14.61 16.05
CA SER A 274 -7.87 13.83 14.98
C SER A 274 -8.84 12.80 14.40
N GLU A 275 -9.77 12.29 15.19
CA GLU A 275 -10.64 11.21 14.74
C GLU A 275 -11.98 11.72 14.21
N ARG A 276 -12.62 12.65 14.90
CA ARG A 276 -13.95 13.09 14.52
C ARG A 276 -13.96 14.43 13.79
N GLY A 277 -12.89 15.20 13.89
CA GLY A 277 -12.80 16.44 13.14
C GLY A 277 -13.54 17.59 13.78
N HIS A 278 -13.55 17.66 15.11
CA HIS A 278 -14.22 18.74 15.83
C HIS A 278 -13.21 19.88 16.00
N LEU A 279 -13.38 20.92 15.19
CA LEU A 279 -12.60 22.14 15.30
C LEU A 279 -13.18 22.98 16.43
N THR A 280 -12.43 23.06 17.52
CA THR A 280 -12.82 23.69 18.77
C THR A 280 -11.85 24.80 19.13
N LEU A 281 -12.32 25.69 20.01
CA LEU A 281 -11.52 26.80 20.51
C LEU A 281 -10.70 26.35 21.71
N PHE A 282 -9.44 26.75 21.75
CA PHE A 282 -8.53 26.32 22.82
C PHE A 282 -8.23 27.44 23.81
N LYS A 283 -7.96 28.67 23.34
CA LYS A 283 -7.87 29.83 24.21
C LYS A 283 -8.63 30.96 23.54
N GLN A 284 -9.40 31.71 24.32
CA GLN A 284 -10.32 32.72 23.78
C GLN A 284 -9.64 33.69 22.83
N VAL A 285 -10.43 34.32 21.96
CA VAL A 285 -9.94 35.28 20.98
C VAL A 285 -10.31 36.69 21.44
N ASP A 286 -9.68 37.69 20.83
CA ASP A 286 -9.90 39.09 21.17
C ASP A 286 -9.91 39.93 19.90
N TYR A 287 -11.11 40.42 19.52
CA TYR A 287 -11.24 41.22 18.31
C TYR A 287 -10.30 42.41 18.31
N GLU A 288 -9.93 42.90 19.50
CA GLU A 288 -9.05 44.06 19.61
C GLU A 288 -7.60 43.75 19.24
N ILE A 289 -7.27 42.50 18.95
CA ILE A 289 -5.89 42.08 18.66
C ILE A 289 -5.76 41.50 17.26
N THR A 290 -6.58 40.50 16.93
CA THR A 290 -6.61 39.91 15.60
C THR A 290 -8.06 39.73 15.19
N LYS A 291 -8.43 40.22 14.01
CA LYS A 291 -9.82 40.24 13.61
C LYS A 291 -10.24 38.99 12.84
N SER A 292 -9.29 38.23 12.29
CA SER A 292 -9.62 37.07 11.47
C SER A 292 -8.52 36.03 11.59
N TYR A 293 -8.84 34.82 11.12
CA TYR A 293 -7.91 33.70 11.09
C TYR A 293 -8.16 32.89 9.83
N GLU A 294 -7.09 32.46 9.17
CA GLU A 294 -7.17 31.60 7.99
C GLU A 294 -6.53 30.26 8.34
N ILE A 295 -7.37 29.28 8.68
CA ILE A 295 -6.91 27.95 9.06
C ILE A 295 -6.93 27.07 7.82
N ASP A 296 -5.87 26.26 7.66
CA ASP A 296 -5.80 25.25 6.60
C ASP A 296 -5.82 23.90 7.28
N VAL A 297 -6.88 23.12 7.05
CA VAL A 297 -7.02 21.81 7.68
C VAL A 297 -6.86 20.72 6.62
N GLN A 298 -6.25 19.60 7.02
CA GLN A 298 -6.00 18.47 6.15
C GLN A 298 -6.56 17.20 6.75
N ALA A 299 -6.93 16.26 5.87
CA ALA A 299 -7.44 14.95 6.24
C ALA A 299 -6.75 13.92 5.38
N GLN A 300 -6.11 12.93 6.01
CA GLN A 300 -5.39 11.89 5.30
C GLN A 300 -5.68 10.53 5.91
N ASP A 301 -5.78 9.52 5.04
CA ASP A 301 -6.05 8.17 5.51
C ASP A 301 -4.76 7.52 6.00
N LEU A 302 -4.92 6.40 6.69
CA LEU A 302 -3.78 5.69 7.27
C LEU A 302 -3.25 4.61 6.34
N GLY A 303 -3.47 4.74 5.03
CA GLY A 303 -2.99 3.78 4.09
C GLY A 303 -1.69 4.19 3.46
N PRO A 304 -1.15 3.34 2.60
CA PRO A 304 0.12 3.65 1.93
C PRO A 304 -0.06 4.63 0.79
N ASN A 305 1.04 5.27 0.42
CA ASN A 305 1.06 6.21 -0.70
C ASN A 305 -0.15 7.14 -0.65
N SER A 306 -0.46 7.64 0.54
CA SER A 306 -1.70 8.37 0.75
C SER A 306 -1.53 9.83 0.35
N ILE A 307 -2.46 10.32 -0.46
CA ILE A 307 -2.55 11.73 -0.82
C ILE A 307 -3.60 12.36 0.08
N PRO A 308 -3.31 13.48 0.74
CA PRO A 308 -4.29 14.11 1.63
C PRO A 308 -5.22 15.08 0.92
N ALA A 309 -6.37 15.31 1.54
CA ALA A 309 -7.31 16.34 1.13
C ALA A 309 -7.21 17.53 2.08
N HIS A 310 -7.58 18.71 1.58
CA HIS A 310 -7.45 19.93 2.36
C HIS A 310 -8.67 20.82 2.16
N CYS A 311 -9.06 21.52 3.21
CA CYS A 311 -10.10 22.53 3.14
C CYS A 311 -9.67 23.73 3.98
N LYS A 312 -10.12 24.90 3.55
CA LYS A 312 -9.77 26.17 4.17
C LYS A 312 -10.93 26.69 5.00
N ILE A 313 -10.64 27.09 6.24
CA ILE A 313 -11.63 27.58 7.18
C ILE A 313 -11.25 28.99 7.58
N ILE A 314 -12.08 29.97 7.23
CA ILE A 314 -11.87 31.36 7.63
C ILE A 314 -12.71 31.63 8.87
N ILE A 315 -12.05 31.95 9.96
CA ILE A 315 -12.72 32.31 11.21
C ILE A 315 -12.73 33.83 11.28
N LYS A 316 -13.89 34.43 11.12
CA LYS A 316 -14.05 35.88 11.26
C LYS A 316 -14.56 36.19 12.66
N VAL A 317 -13.78 36.94 13.42
CA VAL A 317 -14.20 37.39 14.74
C VAL A 317 -15.07 38.63 14.59
N VAL A 318 -16.05 38.75 15.47
CA VAL A 318 -16.98 39.87 15.48
C VAL A 318 -16.82 40.60 16.82
N ASP A 319 -16.88 41.92 16.78
CA ASP A 319 -16.67 42.74 17.97
C ASP A 319 -17.85 42.62 18.92
N VAL A 320 -17.54 42.56 20.22
CA VAL A 320 -18.53 42.73 21.27
C VAL A 320 -18.12 43.93 22.12
N ASN A 321 -19.10 44.48 22.83
CA ASN A 321 -18.88 45.64 23.69
C ASN A 321 -18.32 45.16 25.04
N ASP A 322 -17.04 44.78 25.01
CA ASP A 322 -16.34 44.30 26.20
C ASP A 322 -15.25 45.27 26.65
N ASN A 323 -15.30 46.51 26.19
CA ASN A 323 -14.40 47.56 26.65
C ASN A 323 -15.20 48.80 26.95
N LYS A 324 -15.04 49.31 28.17
CA LYS A 324 -15.71 50.52 28.60
C LYS A 324 -14.96 51.75 28.12
N PRO A 325 -15.67 52.84 27.82
CA PRO A 325 -14.97 54.06 27.38
C PRO A 325 -13.98 54.54 28.42
N GLU A 326 -12.92 55.19 27.93
CA GLU A 326 -11.90 55.79 28.76
C GLU A 326 -11.99 57.31 28.69
N ILE A 327 -11.89 57.93 29.87
CA ILE A 327 -11.95 59.37 30.05
C ILE A 327 -10.58 59.84 30.53
N ASN A 328 -10.01 60.81 29.83
CA ASN A 328 -8.80 61.49 30.28
C ASN A 328 -9.06 62.99 30.30
N ILE A 329 -8.89 63.58 31.48
CA ILE A 329 -8.99 65.02 31.67
C ILE A 329 -7.56 65.53 31.89
N ASN A 330 -7.16 66.48 31.06
CA ASN A 330 -5.84 67.09 31.15
C ASN A 330 -6.00 68.58 31.42
N LEU A 331 -5.01 69.14 32.13
CA LEU A 331 -5.08 70.52 32.58
C LEU A 331 -3.75 71.20 32.31
N MET A 332 -3.77 72.52 32.36
CA MET A 332 -2.53 73.29 32.26
C MET A 332 -1.68 73.10 33.52
N SER A 333 -2.33 72.95 34.67
CA SER A 333 -1.63 72.84 35.94
C SER A 333 -0.58 71.73 35.84
N PRO A 334 0.69 72.01 36.15
CA PRO A 334 1.72 70.98 35.97
C PRO A 334 1.63 69.83 36.94
N GLY A 335 0.95 69.99 38.07
CA GLY A 335 1.12 69.05 39.16
C GLY A 335 0.03 68.02 39.34
N LYS A 336 -1.23 68.45 39.30
CA LYS A 336 -2.28 67.66 39.94
C LYS A 336 -3.60 67.80 39.21
N GLU A 337 -4.59 67.01 39.66
CA GLU A 337 -5.88 66.88 39.01
C GLU A 337 -6.85 68.01 39.37
N GLU A 338 -6.36 69.11 39.93
CA GLU A 338 -7.19 70.24 40.32
C GLU A 338 -7.04 71.40 39.35
N ILE A 339 -8.15 72.02 38.99
CA ILE A 339 -8.16 73.20 38.14
C ILE A 339 -8.15 74.45 39.03
N SER A 340 -7.10 75.25 38.91
CA SER A 340 -6.98 76.50 39.65
C SER A 340 -7.67 77.64 38.91
N TYR A 341 -8.55 78.35 39.61
CA TYR A 341 -9.25 79.51 39.04
C TYR A 341 -8.87 80.75 39.83
N ILE A 342 -8.82 81.88 39.12
CA ILE A 342 -8.41 83.14 39.75
C ILE A 342 -9.32 83.44 40.92
N PHE A 343 -8.72 83.82 42.04
CA PHE A 343 -9.51 84.14 43.23
C PHE A 343 -10.62 85.13 42.90
N GLU A 344 -10.26 86.28 42.31
CA GLU A 344 -11.24 87.33 41.96
C GLU A 344 -11.73 87.19 40.52
N GLY A 345 -12.77 86.38 40.32
CA GLY A 345 -13.44 86.29 39.03
C GLY A 345 -12.60 85.97 37.80
N ASP A 346 -13.26 85.82 36.66
CA ASP A 346 -12.64 85.42 35.39
C ASP A 346 -13.57 85.81 34.24
N PRO A 347 -13.07 85.78 33.00
CA PRO A 347 -13.94 86.06 31.85
C PRO A 347 -14.66 84.81 31.34
N ILE A 348 -15.55 85.03 30.37
CA ILE A 348 -16.34 83.95 29.80
C ILE A 348 -15.50 83.13 28.84
N ASP A 349 -15.94 81.90 28.58
CA ASP A 349 -15.27 80.96 27.66
C ASP A 349 -13.79 80.84 28.01
N THR A 350 -13.53 80.52 29.28
CA THR A 350 -12.17 80.33 29.76
C THR A 350 -11.84 78.84 29.80
N PHE A 351 -10.70 78.49 29.22
CA PHE A 351 -10.24 77.11 29.25
C PHE A 351 -10.22 76.59 30.68
N VAL A 352 -10.88 75.47 30.91
CA VAL A 352 -10.84 74.78 32.18
C VAL A 352 -10.04 73.49 32.08
N ALA A 353 -10.39 72.64 31.12
CA ALA A 353 -9.77 71.34 30.98
C ALA A 353 -9.93 70.87 29.54
N LEU A 354 -9.01 70.02 29.12
CA LEU A 354 -9.14 69.28 27.89
C LEU A 354 -9.67 67.90 28.22
N VAL A 355 -10.60 67.41 27.40
CA VAL A 355 -11.23 66.13 27.66
C VAL A 355 -11.08 65.28 26.41
N ARG A 356 -10.49 64.09 26.57
CA ARG A 356 -10.38 63.11 25.51
C ARG A 356 -11.03 61.81 25.98
N VAL A 357 -11.80 61.20 25.09
CA VAL A 357 -12.44 59.93 25.36
C VAL A 357 -12.04 58.95 24.26
N GLN A 358 -12.08 57.66 24.59
CA GLN A 358 -11.78 56.67 23.56
C GLN A 358 -12.42 55.34 23.95
N ASP A 359 -12.52 54.46 22.97
CA ASP A 359 -13.12 53.14 23.20
C ASP A 359 -12.39 52.15 22.32
N LYS A 360 -11.89 51.08 22.94
CA LYS A 360 -11.15 50.07 22.20
C LYS A 360 -12.00 49.44 21.11
N ASP A 361 -13.30 49.31 21.34
CA ASP A 361 -14.19 48.56 20.46
C ASP A 361 -14.31 49.27 19.11
N SER A 362 -15.24 48.80 18.29
CA SER A 362 -15.45 49.33 16.95
C SER A 362 -16.95 49.50 16.72
N GLY A 363 -17.29 50.21 15.65
CA GLY A 363 -18.69 50.48 15.38
C GLY A 363 -19.34 51.26 16.51
N LEU A 364 -20.63 50.99 16.71
CA LEU A 364 -21.37 51.68 17.78
C LEU A 364 -20.74 51.39 19.14
N ASN A 365 -20.24 50.16 19.33
CA ASN A 365 -19.59 49.83 20.60
C ASN A 365 -18.41 50.73 20.90
N GLY A 366 -17.86 51.39 19.88
CA GLY A 366 -16.70 52.26 20.07
C GLY A 366 -17.02 53.73 19.89
N GLU A 367 -18.26 54.03 19.54
CA GLU A 367 -18.72 55.41 19.42
C GLU A 367 -19.20 55.89 20.79
N ILE A 368 -18.74 57.07 21.20
CA ILE A 368 -18.97 57.57 22.55
C ILE A 368 -19.81 58.84 22.50
N VAL A 369 -20.79 58.91 23.39
CA VAL A 369 -21.45 60.18 23.72
C VAL A 369 -20.88 60.64 25.05
N CYS A 370 -20.39 61.87 25.09
CA CYS A 370 -19.80 62.47 26.27
C CYS A 370 -20.70 63.61 26.76
N LYS A 371 -20.96 63.64 28.06
CA LYS A 371 -21.80 64.66 28.65
C LYS A 371 -21.14 65.22 29.90
N LEU A 372 -21.30 66.53 30.12
CA LEU A 372 -20.75 67.22 31.27
C LEU A 372 -21.90 67.54 32.21
N HIS A 373 -21.85 66.99 33.43
CA HIS A 373 -22.94 67.19 34.39
C HIS A 373 -22.40 67.69 35.73
N GLY A 374 -21.70 68.81 35.70
CA GLY A 374 -21.28 69.38 36.96
C GLY A 374 -22.39 70.16 37.61
N HIS A 375 -22.18 70.50 38.87
CA HIS A 375 -23.18 71.21 39.65
C HIS A 375 -22.99 72.70 39.43
N GLY A 376 -23.42 73.16 38.26
CA GLY A 376 -23.31 74.55 37.89
C GLY A 376 -23.75 74.82 36.47
N HIS A 377 -23.00 75.67 35.75
CA HIS A 377 -23.30 76.01 34.35
C HIS A 377 -22.00 76.21 33.56
N PHE A 378 -21.25 75.14 33.42
CA PHE A 378 -20.10 75.07 32.53
C PHE A 378 -20.54 74.39 31.24
N LYS A 379 -19.76 74.59 30.18
CA LYS A 379 -20.14 74.11 28.86
C LYS A 379 -19.06 73.18 28.31
N LEU A 380 -19.52 72.09 27.68
CA LEU A 380 -18.65 71.09 27.08
C LEU A 380 -18.67 71.31 25.57
N GLN A 381 -17.60 71.92 25.05
CA GLN A 381 -17.52 72.27 23.65
C GLN A 381 -16.66 71.26 22.90
N LYS A 382 -17.20 70.76 21.78
CA LYS A 382 -16.46 69.82 20.95
C LYS A 382 -15.41 70.55 20.14
N THR A 383 -14.23 69.94 20.05
CA THR A 383 -13.17 70.41 19.18
C THR A 383 -12.97 69.50 17.98
N TYR A 384 -12.84 68.19 18.20
CA TYR A 384 -12.89 67.24 17.11
C TYR A 384 -13.36 65.90 17.65
N GLU A 385 -13.36 64.87 16.81
CA GLU A 385 -13.93 63.58 17.19
C GLU A 385 -13.34 63.08 18.50
N ASN A 386 -14.22 62.81 19.46
CA ASN A 386 -13.87 62.26 20.77
C ASN A 386 -12.98 63.19 21.59
N ASN A 387 -12.80 64.44 21.15
CA ASN A 387 -12.00 65.42 21.88
C ASN A 387 -12.82 66.68 22.05
N TYR A 388 -13.14 67.00 23.31
CA TYR A 388 -13.93 68.17 23.67
C TYR A 388 -13.14 69.05 24.62
N LEU A 389 -13.68 70.24 24.87
CA LEU A 389 -13.09 71.23 25.76
C LEU A 389 -14.10 71.61 26.83
N ILE A 390 -13.62 71.84 28.05
CA ILE A 390 -14.46 72.30 29.15
C ILE A 390 -14.23 73.79 29.35
N LEU A 391 -15.28 74.58 29.17
CA LEU A 391 -15.24 76.03 29.30
C LEU A 391 -16.34 76.48 30.25
N THR A 392 -16.43 77.79 30.45
CA THR A 392 -17.48 78.40 31.24
C THR A 392 -18.54 79.05 30.34
N ASN A 393 -19.72 79.25 30.92
CA ASN A 393 -20.88 79.77 30.19
C ASN A 393 -21.42 81.08 30.72
N ALA A 394 -20.91 81.58 31.85
CA ALA A 394 -21.37 82.87 32.38
C ALA A 394 -20.36 83.37 33.40
N THR A 395 -20.52 84.64 33.79
CA THR A 395 -19.67 85.25 34.80
C THR A 395 -19.90 84.61 36.16
N LEU A 396 -18.82 84.16 36.80
CA LEU A 396 -18.88 83.48 38.09
C LEU A 396 -18.89 84.51 39.23
N ASP A 397 -19.17 84.03 40.45
CA ASP A 397 -19.19 84.86 41.65
C ASP A 397 -18.32 84.23 42.75
N ARG A 398 -17.22 84.90 43.11
CA ARG A 398 -16.32 84.37 44.12
C ARG A 398 -17.00 84.21 45.48
N GLU A 399 -17.72 85.24 45.93
CA GLU A 399 -18.23 85.23 47.30
C GLU A 399 -19.19 84.07 47.54
N LYS A 400 -19.95 83.67 46.53
CA LYS A 400 -21.02 82.70 46.71
C LYS A 400 -20.50 81.29 47.00
N ARG A 401 -19.67 80.76 46.10
CA ARG A 401 -19.15 79.41 46.27
C ARG A 401 -17.71 79.34 45.77
N SER A 402 -16.87 78.63 46.52
CA SER A 402 -15.45 78.50 46.22
C SER A 402 -15.06 77.15 45.66
N GLU A 403 -15.63 76.06 46.18
CA GLU A 403 -15.32 74.72 45.71
C GLU A 403 -16.39 74.30 44.71
N TYR A 404 -15.94 73.82 43.55
CA TYR A 404 -16.81 73.25 42.54
C TYR A 404 -16.48 71.78 42.35
N SER A 405 -17.51 71.00 42.05
CA SER A 405 -17.36 69.59 41.72
C SER A 405 -18.00 69.34 40.37
N LEU A 406 -17.20 68.84 39.42
CA LEU A 406 -17.65 68.54 38.08
C LEU A 406 -17.49 67.06 37.81
N THR A 407 -18.44 66.49 37.09
CA THR A 407 -18.42 65.08 36.72
C THR A 407 -18.64 64.96 35.22
N VAL A 408 -17.77 64.18 34.57
CA VAL A 408 -17.86 63.90 33.15
C VAL A 408 -18.33 62.46 32.97
N ILE A 409 -19.29 62.28 32.07
CA ILE A 409 -19.88 60.99 31.77
C ILE A 409 -19.46 60.61 30.36
N ALA A 410 -18.86 59.44 30.20
CA ALA A 410 -18.58 58.88 28.88
C ALA A 410 -19.37 57.59 28.74
N GLU A 411 -20.25 57.53 27.74
CA GLU A 411 -21.12 56.38 27.57
C GLU A 411 -21.16 55.99 26.09
N ASP A 412 -20.74 54.75 25.79
CA ASP A 412 -20.69 54.30 24.41
C ASP A 412 -22.08 53.87 23.94
N ARG A 413 -22.22 53.77 22.62
CA ARG A 413 -23.50 53.46 21.98
C ARG A 413 -23.75 51.95 21.84
N GLY A 414 -23.12 51.14 22.68
CA GLY A 414 -23.33 49.71 22.65
C GLY A 414 -24.60 49.29 23.35
N THR A 415 -24.89 48.00 23.26
CA THR A 415 -26.06 47.41 23.89
C THR A 415 -25.70 45.97 24.34
N PRO A 416 -25.54 45.75 25.66
CA PRO A 416 -25.72 46.70 26.76
C PRO A 416 -24.71 47.85 26.71
N SER A 417 -25.17 49.05 27.05
CA SER A 417 -24.31 50.21 27.04
C SER A 417 -23.34 50.17 28.21
N LEU A 418 -22.14 50.71 27.99
CA LEU A 418 -21.13 50.85 29.02
C LEU A 418 -20.73 52.31 29.15
N SER A 419 -20.33 52.68 30.36
CA SER A 419 -20.00 54.08 30.63
C SER A 419 -19.09 54.16 31.84
N THR A 420 -18.27 55.21 31.86
CA THR A 420 -17.43 55.54 32.99
C THR A 420 -17.57 57.01 33.30
N VAL A 421 -17.33 57.37 34.56
CA VAL A 421 -17.52 58.72 35.05
C VAL A 421 -16.25 59.15 35.77
N LYS A 422 -15.79 60.37 35.51
CA LYS A 422 -14.66 60.92 36.24
C LYS A 422 -15.07 62.21 36.92
N HIS A 423 -14.40 62.52 38.03
CA HIS A 423 -14.73 63.66 38.86
C HIS A 423 -13.51 64.53 39.10
N PHE A 424 -13.72 65.85 39.09
CA PHE A 424 -12.64 66.77 39.42
C PHE A 424 -13.26 68.10 39.84
N THR A 425 -12.56 68.81 40.72
CA THR A 425 -13.08 70.00 41.36
C THR A 425 -12.41 71.26 40.84
N VAL A 426 -13.13 72.38 40.96
CA VAL A 426 -12.64 73.69 40.53
C VAL A 426 -12.49 74.56 41.77
N GLN A 427 -11.25 74.87 42.12
CA GLN A 427 -10.94 75.83 43.17
C GLN A 427 -10.80 77.21 42.56
N ILE A 428 -11.40 78.20 43.22
CA ILE A 428 -11.36 79.57 42.69
C ILE A 428 -10.63 80.47 43.68
N LYS B 1 -5.67 74.38 14.66
CA LYS B 1 -4.82 74.17 13.46
C LYS B 1 -4.32 72.72 13.44
N ASN B 2 -4.11 72.18 12.25
CA ASN B 2 -3.60 70.83 12.07
C ASN B 2 -2.18 70.88 11.54
N LEU B 3 -1.30 70.08 12.14
CA LEU B 3 0.08 69.98 11.69
C LEU B 3 0.42 68.52 11.45
N LYS B 4 1.12 68.26 10.34
CA LYS B 4 1.49 66.91 9.96
C LYS B 4 2.98 66.85 9.68
N TYR B 5 3.66 65.86 10.26
CA TYR B 5 5.09 65.70 10.08
C TYR B 5 5.41 64.25 9.75
N ARG B 6 6.59 64.03 9.16
CA ARG B 6 7.00 62.73 8.66
C ARG B 6 8.38 62.43 9.21
N ILE B 7 8.49 61.40 10.04
CA ILE B 7 9.76 61.01 10.62
C ILE B 7 9.94 59.51 10.43
N TYR B 8 11.17 59.05 10.66
CA TYR B 8 11.52 57.65 10.60
C TYR B 8 11.56 57.07 12.01
N GLU B 9 11.31 55.76 12.10
CA GLU B 9 11.34 55.09 13.39
C GLU B 9 12.79 54.97 13.88
N GLU B 10 12.93 54.64 15.17
CA GLU B 10 14.22 54.32 15.77
C GLU B 10 15.19 55.49 15.68
N GLN B 11 14.69 56.71 15.51
CA GLN B 11 15.56 57.87 15.41
C GLN B 11 16.24 58.15 16.75
N ARG B 12 17.39 58.82 16.68
CA ARG B 12 18.15 59.11 17.89
C ARG B 12 17.27 59.87 18.89
N VAL B 13 17.28 59.40 20.13
CA VAL B 13 16.50 60.07 21.17
C VAL B 13 17.02 61.49 21.35
N GLY B 14 16.10 62.45 21.46
CA GLY B 14 16.43 63.84 21.65
C GLY B 14 16.45 64.67 20.38
N SER B 15 16.45 64.04 19.21
CA SER B 15 16.45 64.79 17.96
C SER B 15 15.19 65.63 17.84
N VAL B 16 15.34 66.81 17.22
CA VAL B 16 14.22 67.74 17.03
C VAL B 16 13.50 67.37 15.75
N ILE B 17 12.18 67.29 15.83
CA ILE B 17 11.33 66.99 14.68
C ILE B 17 10.85 68.25 13.97
N ALA B 18 10.32 69.19 14.73
CA ALA B 18 9.76 70.41 14.14
C ALA B 18 9.76 71.51 15.19
N ARG B 19 9.64 72.75 14.71
CA ARG B 19 9.58 73.93 15.57
C ARG B 19 8.18 74.52 15.44
N LEU B 20 7.37 74.38 16.50
CA LEU B 20 6.03 74.96 16.46
C LEU B 20 6.07 76.47 16.24
N SER B 21 6.90 77.17 17.03
CA SER B 21 7.03 78.62 16.89
C SER B 21 7.18 79.03 15.43
N GLU B 22 7.91 78.21 14.66
CA GLU B 22 8.18 78.53 13.26
C GLU B 22 6.99 78.17 12.37
N ASP B 23 6.25 77.12 12.71
CA ASP B 23 5.22 76.60 11.83
C ASP B 23 3.84 77.19 12.10
N VAL B 24 3.59 77.68 13.31
CA VAL B 24 2.32 78.32 13.64
C VAL B 24 2.51 79.82 13.81
N ALA B 25 3.60 80.37 13.24
CA ALA B 25 3.83 81.81 13.29
C ALA B 25 2.60 82.60 12.88
N ASP B 26 1.89 82.13 11.85
CA ASP B 26 0.72 82.85 11.35
C ASP B 26 -0.35 83.01 12.41
N VAL B 27 -0.33 82.17 13.45
CA VAL B 27 -1.28 82.26 14.55
C VAL B 27 -0.68 83.03 15.73
N LEU B 28 0.57 82.71 16.08
CA LEU B 28 1.20 83.35 17.23
C LEU B 28 1.34 84.84 17.03
N LEU B 29 1.75 85.26 15.82
CA LEU B 29 2.02 86.67 15.58
C LEU B 29 0.78 87.54 15.64
N LYS B 30 -0.41 86.95 15.73
CA LYS B 30 -1.64 87.72 15.87
C LYS B 30 -2.08 87.83 17.32
N LEU B 31 -1.27 87.37 18.26
CA LEU B 31 -1.55 87.45 19.69
C LEU B 31 -0.86 88.63 20.33
N PRO B 32 -1.26 89.00 21.55
CA PRO B 32 -0.49 89.97 22.33
C PRO B 32 0.80 89.35 22.84
N ASN B 33 1.91 90.07 22.67
CA ASN B 33 3.22 89.59 23.09
C ASN B 33 3.52 88.22 22.51
N PRO B 34 3.67 88.11 21.19
CA PRO B 34 4.02 86.81 20.61
C PRO B 34 5.21 86.14 21.29
N SER B 35 6.18 86.93 21.76
CA SER B 35 7.40 86.36 22.32
C SER B 35 7.22 85.74 23.70
N THR B 36 6.10 86.00 24.39
CA THR B 36 5.92 85.48 25.73
C THR B 36 5.19 84.15 25.74
N VAL B 37 4.59 83.73 24.61
CA VAL B 37 3.81 82.51 24.60
C VAL B 37 4.69 81.33 24.99
N ARG B 38 4.10 80.37 25.70
CA ARG B 38 4.75 79.11 25.98
C ARG B 38 3.80 77.99 25.60
N PHE B 39 4.37 76.79 25.43
CA PHE B 39 3.62 75.67 24.91
C PHE B 39 3.59 74.55 25.95
N ARG B 40 2.50 73.81 25.97
CA ARG B 40 2.35 72.67 26.86
C ARG B 40 1.78 71.52 26.06
N ALA B 41 2.43 70.37 26.16
CA ALA B 41 1.98 69.18 25.46
C ALA B 41 0.87 68.51 26.26
N MET B 42 -0.12 67.99 25.54
CA MET B 42 -1.16 67.19 26.16
C MET B 42 -0.78 65.75 25.84
N GLN B 43 0.11 65.21 26.67
CA GLN B 43 0.65 63.87 26.47
C GLN B 43 -0.30 62.89 27.15
N ARG B 44 -0.95 62.07 26.36
CA ARG B 44 -1.86 61.05 26.86
C ARG B 44 -1.20 59.68 26.87
N GLY B 45 -1.71 58.81 27.74
CA GLY B 45 -1.22 57.46 27.86
C GLY B 45 0.09 57.38 28.62
N ASN B 46 0.46 56.14 28.96
CA ASN B 46 1.74 55.84 29.60
C ASN B 46 2.85 55.68 28.59
N SER B 47 2.78 56.43 27.49
CA SER B 47 3.70 56.30 26.36
C SER B 47 4.29 57.69 26.11
N PRO B 48 5.26 58.14 26.96
CA PRO B 48 5.87 59.46 26.70
C PRO B 48 6.92 59.35 25.61
N LEU B 49 6.46 59.46 24.37
CA LEU B 49 7.33 59.30 23.20
C LEU B 49 7.93 60.63 22.75
N LEU B 50 7.09 61.66 22.66
CA LEU B 50 7.49 62.96 22.17
C LEU B 50 7.35 63.99 23.29
N VAL B 51 8.25 64.98 23.28
CA VAL B 51 8.19 66.07 24.25
C VAL B 51 8.22 67.38 23.51
N VAL B 52 7.59 68.39 24.12
CA VAL B 52 7.56 69.75 23.60
C VAL B 52 8.44 70.61 24.50
N ASN B 53 9.21 71.50 23.88
CA ASN B 53 9.96 72.48 24.65
C ASN B 53 9.05 73.66 24.96
N GLU B 54 8.77 73.87 26.25
CA GLU B 54 7.81 74.88 26.67
C GLU B 54 8.18 76.29 26.23
N ASP B 55 9.45 76.54 25.95
CA ASP B 55 9.92 77.90 25.68
C ASP B 55 9.86 78.28 24.20
N ASN B 56 10.26 77.36 23.31
CA ASN B 56 10.26 77.65 21.87
C ASN B 56 9.36 76.73 21.06
N GLY B 57 8.76 75.72 21.67
CA GLY B 57 7.86 74.84 20.94
C GLY B 57 8.57 73.84 20.06
N GLU B 58 9.73 73.36 20.47
CA GLU B 58 10.43 72.32 19.72
C GLU B 58 9.89 70.95 20.09
N ILE B 59 9.55 70.16 19.07
CA ILE B 59 9.12 68.79 19.25
C ILE B 59 10.33 67.89 19.12
N SER B 60 10.66 67.18 20.20
CA SER B 60 11.82 66.31 20.20
C SER B 60 11.42 64.91 20.63
N ILE B 61 12.18 63.93 20.16
CA ILE B 61 11.94 62.53 20.48
C ILE B 61 12.31 62.31 21.94
N GLY B 62 11.31 61.95 22.75
CA GLY B 62 11.54 61.69 24.15
C GLY B 62 12.02 60.27 24.38
N ALA B 63 11.42 59.32 23.68
CA ALA B 63 11.81 57.93 23.76
C ALA B 63 11.86 57.35 22.35
N THR B 64 12.55 56.22 22.22
CA THR B 64 12.72 55.59 20.92
C THR B 64 11.36 55.27 20.31
N ILE B 65 11.25 55.47 19.00
CA ILE B 65 10.02 55.23 18.25
C ILE B 65 10.24 53.99 17.41
N ASP B 66 9.68 52.85 17.86
CA ASP B 66 9.73 51.60 17.11
C ASP B 66 8.38 51.42 16.43
N ARG B 67 8.37 51.58 15.10
CA ARG B 67 7.13 51.48 14.35
C ARG B 67 6.46 50.12 14.54
N GLU B 68 7.26 49.08 14.79
CA GLU B 68 6.73 47.73 14.86
C GLU B 68 5.89 47.51 16.12
N GLN B 69 6.33 48.06 17.25
CA GLN B 69 5.57 47.91 18.49
C GLN B 69 4.36 48.84 18.56
N LEU B 70 4.24 49.81 17.65
CA LEU B 70 3.18 50.82 17.75
C LEU B 70 2.01 50.52 16.82
N CYS B 71 2.26 50.32 15.53
CA CYS B 71 1.21 50.03 14.56
C CYS B 71 1.27 48.62 14.02
N GLN B 72 2.23 47.82 14.46
CA GLN B 72 2.35 46.41 14.06
C GLN B 72 2.53 46.37 12.54
N LYS B 73 1.64 45.73 11.79
CA LYS B 73 1.82 45.50 10.36
C LYS B 73 1.00 46.45 9.50
N ASN B 74 0.57 47.60 10.04
CA ASN B 74 -0.24 48.55 9.29
C ASN B 74 0.63 49.51 8.47
N LEU B 75 0.13 49.87 7.29
CA LEU B 75 0.85 50.80 6.42
C LEU B 75 0.82 52.21 6.98
N ASN B 76 -0.35 52.66 7.43
CA ASN B 76 -0.50 54.01 7.95
C ASN B 76 -0.17 53.96 9.43
N CYS B 77 0.84 54.73 9.84
CA CYS B 77 1.23 54.82 11.24
C CYS B 77 1.47 56.27 11.59
N SER B 78 0.87 56.73 12.69
CA SER B 78 1.00 58.12 13.08
C SER B 78 0.70 58.26 14.57
N ILE B 79 1.42 59.16 15.22
CA ILE B 79 1.19 59.51 16.61
C ILE B 79 0.45 60.85 16.63
N GLU B 80 -0.64 60.91 17.38
CA GLU B 80 -1.47 62.10 17.46
C GLU B 80 -1.40 62.68 18.86
N PHE B 81 -1.19 63.99 18.95
CA PHE B 81 -1.13 64.61 20.27
C PHE B 81 -1.37 66.11 20.12
N ASP B 82 -2.05 66.67 21.12
CA ASP B 82 -2.46 68.06 21.13
C ASP B 82 -1.52 68.90 22.00
N VAL B 83 -1.21 70.10 21.51
CA VAL B 83 -0.36 71.06 22.22
C VAL B 83 -1.10 72.38 22.30
N ILE B 84 -0.97 73.08 23.44
CA ILE B 84 -1.67 74.34 23.64
C ILE B 84 -0.69 75.45 23.98
N THR B 85 -1.11 76.67 23.68
CA THR B 85 -0.34 77.88 23.96
C THR B 85 -0.74 78.47 25.30
N LEU B 86 0.26 78.89 26.07
CA LEU B 86 0.03 79.67 27.27
C LEU B 86 0.36 81.13 26.94
N PRO B 87 -0.30 82.09 27.60
CA PRO B 87 -1.30 81.92 28.64
C PRO B 87 -2.69 81.61 28.08
N THR B 88 -3.62 81.23 28.97
CA THR B 88 -4.93 80.80 28.54
C THR B 88 -5.71 81.86 27.79
N GLU B 89 -5.35 83.14 27.94
CA GLU B 89 -6.12 84.18 27.25
C GLU B 89 -6.11 83.86 25.76
N HIS B 90 -7.25 83.42 25.26
CA HIS B 90 -7.40 82.92 23.90
C HIS B 90 -6.24 81.98 23.55
N LEU B 91 -6.13 80.91 24.34
CA LEU B 91 -5.12 79.91 24.03
C LEU B 91 -5.50 79.20 22.74
N GLN B 92 -4.48 78.76 22.02
CA GLN B 92 -4.69 78.03 20.77
C GLN B 92 -4.48 76.54 21.00
N LEU B 93 -5.10 75.75 20.13
CA LEU B 93 -4.99 74.30 20.20
C LEU B 93 -4.45 73.79 18.88
N PHE B 94 -3.31 73.13 18.93
CA PHE B 94 -2.64 72.57 17.77
C PHE B 94 -2.69 71.06 17.84
N HIS B 95 -3.39 70.45 16.89
CA HIS B 95 -3.44 69.00 16.76
C HIS B 95 -2.33 68.54 15.83
N ILE B 96 -1.40 67.75 16.37
CA ILE B 96 -0.21 67.36 15.64
C ILE B 96 -0.26 65.87 15.35
N GLU B 97 -0.03 65.54 14.07
CA GLU B 97 -0.03 64.18 13.56
C GLU B 97 1.37 63.89 13.03
N VAL B 98 2.02 62.86 13.58
CA VAL B 98 3.41 62.55 13.24
C VAL B 98 3.40 61.16 12.62
N GLU B 99 3.46 61.09 11.30
CA GLU B 99 3.54 59.81 10.62
C GLU B 99 4.92 59.18 10.81
N VAL B 100 4.95 57.94 11.27
CA VAL B 100 6.18 57.22 11.56
C VAL B 100 6.47 56.28 10.40
N LEU B 101 7.64 56.43 9.79
CA LEU B 101 8.02 55.59 8.66
C LEU B 101 8.85 54.40 9.12
N ASP B 102 8.84 53.37 8.29
CA ASP B 102 9.46 52.10 8.60
C ASP B 102 10.85 52.02 7.98
N ILE B 103 11.82 51.61 8.78
CA ILE B 103 13.14 51.23 8.30
C ILE B 103 13.22 49.71 8.32
N ASN B 104 14.24 49.16 7.65
CA ASN B 104 14.39 47.71 7.54
C ASN B 104 15.32 47.21 8.65
N ASP B 105 14.82 47.33 9.89
CA ASP B 105 15.56 46.89 11.07
C ASP B 105 15.05 45.56 11.61
N ASN B 106 14.54 44.69 10.74
CA ASN B 106 14.07 43.37 11.12
C ASN B 106 14.22 42.42 9.94
N SER B 107 14.88 41.27 10.17
CA SER B 107 15.08 40.28 9.12
C SER B 107 13.94 39.27 9.12
N PRO B 108 13.68 38.62 7.98
CA PRO B 108 12.75 37.48 7.99
C PRO B 108 13.21 36.42 8.98
N GLN B 109 12.26 35.81 9.66
CA GLN B 109 12.55 34.77 10.64
C GLN B 109 11.55 33.62 10.48
N PHE B 110 12.02 32.42 10.79
CA PHE B 110 11.19 31.22 10.74
C PHE B 110 10.84 30.77 12.15
N SER B 111 9.63 30.24 12.30
CA SER B 111 9.19 29.78 13.61
C SER B 111 10.12 28.70 14.15
N ARG B 112 10.45 27.70 13.32
CA ARG B 112 11.30 26.58 13.72
C ARG B 112 12.47 26.46 12.76
N SER B 113 13.65 26.16 13.30
CA SER B 113 14.87 26.10 12.50
C SER B 113 14.92 24.83 11.64
N LEU B 114 14.44 23.71 12.16
CA LEU B 114 14.38 22.46 11.41
C LEU B 114 12.94 22.26 10.94
N ILE B 115 12.76 22.07 9.64
CA ILE B 115 11.44 21.81 9.07
C ILE B 115 11.37 20.36 8.62
N PRO B 116 10.85 19.45 9.46
CA PRO B 116 10.76 18.04 9.05
C PRO B 116 9.55 17.82 8.16
N ILE B 117 9.79 17.27 6.97
CA ILE B 117 8.71 16.90 6.05
C ILE B 117 8.96 15.49 5.55
N GLU B 118 7.88 14.73 5.39
CA GLU B 118 7.94 13.34 4.97
C GLU B 118 7.29 13.21 3.59
N ILE B 119 7.99 12.55 2.67
CA ILE B 119 7.52 12.35 1.31
C ILE B 119 7.71 10.88 0.94
N SER B 120 6.65 10.26 0.41
CA SER B 120 6.74 8.89 -0.08
C SER B 120 7.30 8.91 -1.50
N GLU B 121 8.26 8.03 -1.77
CA GLU B 121 8.88 7.96 -3.09
C GLU B 121 7.85 7.85 -4.20
N SER B 122 6.66 7.32 -3.88
CA SER B 122 5.61 7.19 -4.88
C SER B 122 5.15 8.55 -5.41
N ALA B 123 5.31 9.61 -4.63
CA ALA B 123 4.81 10.93 -5.01
C ALA B 123 5.22 11.29 -6.43
N ALA B 124 4.23 11.58 -7.27
CA ALA B 124 4.48 11.83 -8.68
C ALA B 124 5.05 13.23 -8.89
N VAL B 125 5.80 13.37 -9.97
CA VAL B 125 6.30 14.67 -10.41
C VAL B 125 5.12 15.64 -10.48
N GLY B 126 5.22 16.75 -9.76
CA GLY B 126 4.14 17.71 -9.64
C GLY B 126 3.62 17.88 -8.23
N THR B 127 3.82 16.91 -7.35
CA THR B 127 3.40 17.03 -5.97
C THR B 127 3.87 18.37 -5.40
N ARG B 128 2.98 19.02 -4.65
CA ARG B 128 3.28 20.31 -4.05
C ARG B 128 3.08 20.24 -2.55
N ILE B 129 3.94 20.92 -1.81
CA ILE B 129 3.90 20.94 -0.35
C ILE B 129 4.10 22.37 0.13
N PRO B 130 3.03 23.10 0.49
CA PRO B 130 3.23 24.43 1.07
C PRO B 130 4.11 24.36 2.31
N LEU B 131 5.14 25.21 2.34
CA LEU B 131 6.10 25.24 3.42
C LEU B 131 5.78 26.37 4.39
N ASP B 132 6.34 26.28 5.59
CA ASP B 132 6.16 27.34 6.58
C ASP B 132 6.55 28.68 6.00
N SER B 133 5.80 29.71 6.37
CA SER B 133 6.10 31.08 5.94
C SER B 133 6.90 31.78 7.03
N ALA B 134 7.95 32.48 6.64
CA ALA B 134 8.67 33.32 7.58
C ALA B 134 7.89 34.61 7.84
N PHE B 135 8.19 35.23 8.97
CA PHE B 135 7.50 36.45 9.39
C PHE B 135 8.52 37.58 9.50
N ASP B 136 8.18 38.72 8.90
CA ASP B 136 9.04 39.90 8.84
C ASP B 136 8.21 41.09 9.30
N PRO B 137 8.37 41.53 10.56
CA PRO B 137 7.46 42.55 11.09
C PRO B 137 7.59 43.91 10.40
N ASP B 138 8.54 44.04 9.48
CA ASP B 138 8.64 45.26 8.70
C ASP B 138 7.42 45.41 7.80
N VAL B 139 7.44 46.46 6.97
CA VAL B 139 6.31 46.82 6.13
C VAL B 139 6.81 47.26 4.76
N GLY B 140 5.91 47.23 3.79
CA GLY B 140 6.25 47.65 2.43
C GLY B 140 7.34 46.78 1.83
N GLU B 141 8.29 47.42 1.15
CA GLU B 141 9.38 46.66 0.54
C GLU B 141 10.24 45.97 1.59
N ASN B 142 10.25 46.46 2.83
CA ASN B 142 11.13 45.88 3.84
C ASN B 142 10.63 44.53 4.35
N SER B 143 9.39 44.17 4.07
CA SER B 143 8.84 42.91 4.55
C SER B 143 9.15 41.78 3.56
N LEU B 144 8.83 40.56 3.98
CA LEU B 144 9.17 39.37 3.22
C LEU B 144 8.69 39.47 1.78
N HIS B 145 9.62 39.29 0.84
CA HIS B 145 9.33 39.41 -0.59
C HIS B 145 9.51 38.09 -1.35
N THR B 146 10.65 37.42 -1.19
CA THR B 146 10.90 36.22 -1.99
C THR B 146 11.57 35.14 -1.15
N TYR B 147 11.54 33.92 -1.67
CA TYR B 147 12.18 32.76 -1.07
C TYR B 147 13.21 32.19 -2.03
N SER B 148 14.05 31.31 -1.49
CA SER B 148 15.08 30.65 -2.27
C SER B 148 15.38 29.28 -1.67
N LEU B 149 15.61 28.30 -2.52
CA LEU B 149 15.89 26.94 -2.10
C LEU B 149 17.28 26.55 -2.57
N SER B 150 18.03 25.91 -1.67
CA SER B 150 19.38 25.48 -2.00
C SER B 150 19.36 24.61 -3.26
N ALA B 151 20.40 24.76 -4.09
CA ALA B 151 20.44 24.06 -5.36
C ALA B 151 20.42 22.55 -5.15
N ASN B 152 19.68 21.86 -6.00
CA ASN B 152 19.53 20.41 -5.90
C ASN B 152 18.92 19.92 -7.20
N ASP B 153 18.80 18.60 -7.33
CA ASP B 153 18.34 17.98 -8.57
C ASP B 153 16.94 17.38 -8.47
N PHE B 154 16.31 17.43 -7.30
CA PHE B 154 15.04 16.73 -7.08
C PHE B 154 13.89 17.64 -6.63
N PHE B 155 14.16 18.86 -6.19
CA PHE B 155 13.12 19.74 -5.67
C PHE B 155 13.27 21.14 -6.25
N ASN B 156 12.13 21.81 -6.38
CA ASN B 156 12.05 23.19 -6.81
C ASN B 156 11.16 23.94 -5.81
N ILE B 157 11.06 25.26 -6.00
CA ILE B 157 10.24 26.10 -5.14
C ILE B 157 9.45 27.08 -5.98
N GLU B 158 8.19 27.30 -5.60
CA GLU B 158 7.39 28.38 -6.17
C GLU B 158 6.92 29.30 -5.05
N VAL B 159 6.95 30.60 -5.30
CA VAL B 159 6.53 31.59 -4.31
C VAL B 159 5.06 31.90 -4.53
N ARG B 160 4.34 32.04 -3.43
CA ARG B 160 2.90 32.23 -3.45
C ARG B 160 2.54 33.39 -2.54
N THR B 161 1.33 33.89 -2.73
CA THR B 161 0.77 34.94 -1.88
C THR B 161 -0.63 34.50 -1.46
N ARG B 162 -0.92 34.60 -0.17
CA ARG B 162 -2.23 34.20 0.34
C ARG B 162 -3.19 35.39 0.29
N THR B 163 -4.43 35.14 0.70
CA THR B 163 -5.49 36.16 0.63
C THR B 163 -5.04 37.49 1.23
N ASP B 164 -4.45 37.44 2.43
CA ASP B 164 -4.12 38.65 3.18
C ASP B 164 -2.84 39.34 2.71
N GLY B 165 -2.18 38.84 1.67
CA GLY B 165 -1.01 39.46 1.12
C GLY B 165 0.32 38.80 1.46
N ALA B 166 0.39 38.07 2.58
CA ALA B 166 1.65 37.43 2.97
C ALA B 166 2.06 36.40 1.93
N LYS B 167 3.36 36.15 1.85
CA LYS B 167 3.92 35.21 0.89
C LYS B 167 4.35 33.93 1.59
N TYR B 168 4.33 32.83 0.85
CA TYR B 168 4.76 31.53 1.36
C TYR B 168 5.45 30.75 0.26
N ALA B 169 6.17 29.71 0.67
CA ALA B 169 6.94 28.90 -0.25
C ALA B 169 6.28 27.54 -0.43
N GLU B 170 6.14 27.13 -1.69
CA GLU B 170 5.57 25.83 -2.03
C GLU B 170 6.67 24.96 -2.62
N LEU B 171 6.94 23.84 -1.95
CA LEU B 171 7.91 22.87 -2.42
C LEU B 171 7.32 22.04 -3.56
N ILE B 172 8.14 21.73 -4.56
CA ILE B 172 7.69 21.00 -5.73
C ILE B 172 8.66 19.86 -6.02
N VAL B 173 8.13 18.67 -6.20
CA VAL B 173 8.90 17.53 -6.68
C VAL B 173 9.03 17.64 -8.19
N VAL B 174 10.27 17.78 -8.68
CA VAL B 174 10.51 17.99 -10.10
C VAL B 174 11.05 16.72 -10.79
N ARG B 175 11.70 15.82 -10.05
CA ARG B 175 12.21 14.58 -10.61
C ARG B 175 11.77 13.40 -9.74
N GLU B 176 11.57 12.25 -10.39
CA GLU B 176 11.09 11.06 -9.71
C GLU B 176 12.01 10.68 -8.56
N LEU B 177 11.42 10.52 -7.37
CA LEU B 177 12.17 10.12 -6.19
C LEU B 177 12.30 8.60 -6.12
N ASP B 178 13.36 8.13 -5.45
CA ASP B 178 13.62 6.71 -5.30
C ASP B 178 14.32 6.50 -3.96
N ARG B 179 13.57 6.00 -2.97
CA ARG B 179 14.14 5.79 -1.64
C ARG B 179 15.23 4.73 -1.66
N GLU B 180 15.08 3.70 -2.51
CA GLU B 180 16.07 2.63 -2.54
C GLU B 180 17.47 3.17 -2.78
N LEU B 181 17.59 4.34 -3.41
CA LEU B 181 18.89 4.94 -3.71
C LEU B 181 19.27 6.03 -2.72
N LYS B 182 18.36 6.98 -2.45
CA LYS B 182 18.64 8.10 -1.56
C LYS B 182 17.43 8.30 -0.65
N SER B 183 17.61 8.06 0.65
CA SER B 183 16.50 8.02 1.57
C SER B 183 16.13 9.37 2.16
N SER B 184 17.06 10.34 2.17
CA SER B 184 16.78 11.63 2.79
C SER B 184 17.55 12.74 2.07
N TYR B 185 17.00 13.94 2.15
CA TYR B 185 17.63 15.15 1.64
C TYR B 185 17.64 16.21 2.73
N GLU B 186 18.53 17.19 2.55
CA GLU B 186 18.68 18.30 3.50
C GLU B 186 18.90 19.56 2.68
N LEU B 187 17.91 20.46 2.66
CA LEU B 187 17.96 21.63 1.79
C LEU B 187 17.69 22.90 2.56
N GLN B 188 18.36 23.98 2.16
CA GLN B 188 18.28 25.24 2.88
C GLN B 188 17.27 26.17 2.21
N LEU B 189 16.30 26.63 2.98
CA LEU B 189 15.28 27.56 2.53
C LEU B 189 15.54 28.93 3.16
N THR B 190 15.71 29.95 2.32
CA THR B 190 16.02 31.29 2.78
C THR B 190 14.93 32.26 2.34
N ALA B 191 14.28 32.90 3.30
CA ALA B 191 13.37 34.00 3.04
C ALA B 191 14.15 35.31 3.08
N SER B 192 13.85 36.21 2.15
CA SER B 192 14.50 37.50 2.08
C SER B 192 13.50 38.57 1.67
N ASP B 193 13.64 39.74 2.27
CA ASP B 193 12.80 40.88 1.93
C ASP B 193 13.45 41.67 0.80
N MET B 194 12.81 42.77 0.41
CA MET B 194 13.28 43.58 -0.71
C MET B 194 13.73 44.97 -0.25
N GLY B 195 14.24 45.07 0.99
CA GLY B 195 14.75 46.33 1.49
C GLY B 195 16.22 46.50 1.18
N VAL B 196 16.71 47.72 1.42
CA VAL B 196 18.13 48.03 1.26
C VAL B 196 18.65 48.59 2.59
N PRO B 197 19.55 47.86 3.27
CA PRO B 197 20.15 46.58 2.85
C PRO B 197 19.16 45.43 2.90
N GLN B 198 19.28 44.52 1.94
CA GLN B 198 18.42 43.35 1.91
C GLN B 198 18.79 42.43 3.06
N ARG B 199 17.79 42.09 3.88
CA ARG B 199 18.00 41.21 5.03
C ARG B 199 17.43 39.84 4.72
N SER B 200 17.97 38.82 5.37
CA SER B 200 17.59 37.45 5.09
C SER B 200 17.52 36.63 6.37
N GLY B 201 16.65 35.61 6.33
CA GLY B 201 16.62 34.59 7.36
C GLY B 201 16.45 33.24 6.69
N SER B 202 16.74 32.18 7.44
CA SER B 202 16.76 30.86 6.82
C SER B 202 16.37 29.78 7.80
N SER B 203 15.92 28.66 7.23
CA SER B 203 15.61 27.45 7.96
C SER B 203 16.01 26.28 7.07
N ILE B 204 16.23 25.12 7.67
CA ILE B 204 16.66 23.93 6.93
C ILE B 204 15.53 22.91 6.88
N LEU B 205 15.34 22.33 5.69
CA LEU B 205 14.36 21.29 5.44
C LEU B 205 15.02 19.92 5.56
N LYS B 206 14.50 19.10 6.47
CA LYS B 206 14.89 17.71 6.64
C LYS B 206 13.85 16.87 5.89
N ILE B 207 14.14 16.57 4.65
CA ILE B 207 13.24 15.79 3.81
C ILE B 207 13.52 14.31 4.04
N SER B 208 12.49 13.58 4.44
CA SER B 208 12.58 12.14 4.63
C SER B 208 11.75 11.44 3.56
N ILE B 209 12.35 10.44 2.91
CA ILE B 209 11.68 9.70 1.85
C ILE B 209 11.17 8.41 2.45
N SER B 210 9.84 8.29 2.57
CA SER B 210 9.24 7.07 3.10
C SER B 210 9.17 6.03 1.99
N ASP B 211 9.41 4.78 2.38
CA ASP B 211 9.46 3.70 1.41
C ASP B 211 8.06 3.29 0.97
N SER B 212 7.89 3.11 -0.33
CA SER B 212 6.72 2.47 -0.90
C SER B 212 7.13 1.14 -1.52
N ASN B 213 6.13 0.29 -1.77
CA ASN B 213 6.38 -1.07 -2.24
C ASN B 213 6.46 -1.08 -3.77
N ASP B 214 7.52 -0.46 -4.28
CA ASP B 214 7.72 -0.34 -5.71
C ASP B 214 8.66 -1.40 -6.27
N ASN B 215 8.97 -2.43 -5.50
CA ASN B 215 9.81 -3.53 -5.95
C ASN B 215 9.24 -4.83 -5.43
N SER B 216 9.22 -5.84 -6.28
CA SER B 216 8.81 -7.18 -5.89
C SER B 216 10.03 -8.08 -5.81
N PRO B 217 9.92 -9.23 -5.14
CA PRO B 217 11.09 -10.11 -5.01
C PRO B 217 11.63 -10.51 -6.37
N ALA B 218 12.91 -10.87 -6.39
CA ALA B 218 13.58 -11.35 -7.60
C ALA B 218 14.35 -12.63 -7.29
N PHE B 219 14.26 -13.58 -8.21
CA PHE B 219 14.99 -14.84 -8.10
C PHE B 219 16.30 -14.77 -8.86
N GLU B 220 17.30 -15.48 -8.35
CA GLU B 220 18.59 -15.58 -9.03
C GLU B 220 18.43 -16.03 -10.48
N GLN B 221 17.70 -17.12 -10.69
CA GLN B 221 17.43 -17.64 -12.03
C GLN B 221 15.93 -17.90 -12.16
N GLN B 222 15.48 -18.03 -13.41
CA GLN B 222 14.05 -18.17 -13.65
C GLN B 222 13.60 -19.61 -13.47
N SER B 223 14.45 -20.55 -13.88
CA SER B 223 14.18 -21.98 -13.76
C SER B 223 15.40 -22.70 -13.21
N TYR B 224 15.16 -23.89 -12.67
CA TYR B 224 16.23 -24.74 -12.17
C TYR B 224 15.88 -26.18 -12.50
N ILE B 225 16.90 -26.95 -12.90
CA ILE B 225 16.75 -28.35 -13.24
C ILE B 225 17.48 -29.16 -12.17
N ILE B 226 16.75 -30.03 -11.49
CA ILE B 226 17.29 -30.84 -10.40
C ILE B 226 17.20 -32.30 -10.81
N GLN B 227 18.32 -33.02 -10.64
CA GLN B 227 18.36 -34.45 -10.80
C GLN B 227 18.20 -35.05 -9.40
N LEU B 228 17.40 -36.10 -9.29
CA LEU B 228 17.07 -36.63 -7.96
C LEU B 228 17.10 -38.15 -8.01
N LEU B 229 17.94 -38.76 -7.15
CA LEU B 229 17.92 -40.20 -7.02
C LEU B 229 16.62 -40.64 -6.38
N GLU B 230 15.92 -41.57 -7.02
CA GLU B 230 14.61 -41.97 -6.55
C GLU B 230 14.64 -42.58 -5.15
N ASN B 231 15.82 -42.81 -4.59
CA ASN B 231 15.98 -43.39 -3.26
C ASN B 231 16.52 -42.38 -2.26
N SER B 232 16.34 -41.09 -2.51
CA SER B 232 16.82 -40.09 -1.57
C SER B 232 15.94 -40.10 -0.32
N PRO B 233 16.52 -39.92 0.85
CA PRO B 233 15.71 -39.97 2.08
C PRO B 233 14.81 -38.76 2.20
N VAL B 234 13.67 -38.97 2.86
CA VAL B 234 12.79 -37.85 3.18
C VAL B 234 13.60 -36.78 3.89
N GLY B 235 13.53 -35.56 3.40
CA GLY B 235 14.26 -34.45 3.98
C GLY B 235 15.44 -33.98 3.16
N THR B 236 15.81 -34.70 2.11
CA THR B 236 16.90 -34.25 1.25
C THR B 236 16.64 -32.80 0.84
N LEU B 237 17.66 -31.97 0.92
CA LEU B 237 17.53 -30.59 0.48
C LEU B 237 17.63 -30.56 -1.03
N LEU B 238 16.49 -30.36 -1.70
CA LEU B 238 16.48 -30.28 -3.15
C LEU B 238 17.09 -28.97 -3.62
N LEU B 239 16.70 -27.85 -3.01
CA LEU B 239 17.30 -26.59 -3.45
C LEU B 239 17.01 -25.48 -2.44
N ASP B 240 18.03 -24.67 -2.16
CA ASP B 240 17.91 -23.52 -1.27
C ASP B 240 17.71 -22.27 -2.12
N LEU B 241 16.47 -21.80 -2.21
CA LEU B 241 16.15 -20.63 -3.02
C LEU B 241 16.45 -19.35 -2.27
N ASN B 242 16.99 -18.37 -3.00
CA ASN B 242 17.27 -17.06 -2.46
C ASN B 242 16.57 -16.03 -3.33
N ALA B 243 15.64 -15.28 -2.74
CA ALA B 243 15.02 -14.15 -3.40
C ALA B 243 15.34 -12.88 -2.60
N THR B 244 15.40 -11.76 -3.32
CA THR B 244 15.79 -10.48 -2.73
C THR B 244 14.75 -9.42 -3.04
N ASP B 245 14.61 -8.47 -2.11
CA ASP B 245 13.68 -7.36 -2.25
C ASP B 245 14.33 -6.12 -1.65
N PRO B 246 14.61 -5.07 -2.44
CA PRO B 246 15.28 -3.89 -1.89
C PRO B 246 14.41 -3.05 -0.95
N ASP B 247 13.11 -3.30 -0.88
CA ASP B 247 12.23 -2.47 -0.08
C ASP B 247 12.52 -2.65 1.41
N GLU B 248 11.84 -1.84 2.22
CA GLU B 248 12.06 -1.76 3.66
C GLU B 248 10.89 -2.41 4.40
N GLY B 249 11.17 -2.88 5.62
CA GLY B 249 10.13 -3.44 6.47
C GLY B 249 9.36 -4.54 5.77
N ALA B 250 8.04 -4.55 6.01
CA ALA B 250 7.19 -5.58 5.42
C ALA B 250 7.34 -5.61 3.90
N ASN B 251 7.48 -4.44 3.28
CA ASN B 251 7.61 -4.38 1.82
C ASN B 251 8.78 -5.23 1.33
N GLY B 252 9.81 -5.42 2.16
CA GLY B 252 10.97 -6.19 1.77
C GLY B 252 11.08 -7.56 2.42
N LYS B 253 10.09 -7.95 3.21
CA LYS B 253 10.06 -9.26 3.86
C LYS B 253 9.41 -10.25 2.90
N ILE B 254 10.14 -11.32 2.55
CA ILE B 254 9.71 -12.22 1.48
C ILE B 254 9.14 -13.49 2.08
N VAL B 255 8.08 -14.00 1.46
CA VAL B 255 7.47 -15.27 1.82
C VAL B 255 7.54 -16.19 0.62
N TYR B 256 8.10 -17.39 0.83
CA TYR B 256 8.18 -18.42 -0.19
C TYR B 256 7.03 -19.40 -0.01
N SER B 257 6.45 -19.85 -1.12
CA SER B 257 5.35 -20.79 -1.06
C SER B 257 5.19 -21.44 -2.43
N PHE B 258 4.40 -22.51 -2.47
CA PHE B 258 4.00 -23.09 -3.74
C PHE B 258 2.88 -22.26 -4.37
N SER B 259 2.98 -22.01 -5.67
CA SER B 259 1.92 -21.31 -6.38
C SER B 259 0.58 -21.96 -6.08
N SER B 260 -0.47 -21.14 -6.05
CA SER B 260 -1.79 -21.63 -5.67
C SER B 260 -2.32 -22.68 -6.62
N HIS B 261 -1.80 -22.77 -7.84
CA HIS B 261 -2.33 -23.66 -8.86
C HIS B 261 -1.60 -25.00 -8.92
N VAL B 262 -0.64 -25.25 -8.04
CA VAL B 262 0.09 -26.51 -8.07
C VAL B 262 -0.87 -27.65 -7.75
N SER B 263 -0.59 -28.82 -8.33
CA SER B 263 -1.43 -29.98 -8.08
C SER B 263 -1.24 -30.47 -6.65
N PRO B 264 -2.26 -31.12 -6.07
CA PRO B 264 -2.09 -31.66 -4.72
C PRO B 264 -0.95 -32.66 -4.64
N LYS B 265 -0.69 -33.39 -5.73
CA LYS B 265 0.41 -34.35 -5.74
C LYS B 265 1.73 -33.66 -5.40
N ILE B 266 2.00 -32.50 -6.00
CA ILE B 266 3.25 -31.80 -5.73
C ILE B 266 3.34 -31.41 -4.26
N MET B 267 2.26 -30.89 -3.69
CA MET B 267 2.28 -30.53 -2.27
C MET B 267 2.36 -31.74 -1.35
N GLU B 268 1.96 -32.92 -1.84
CA GLU B 268 2.07 -34.14 -1.04
C GLU B 268 3.51 -34.59 -0.88
N THR B 269 4.37 -34.31 -1.87
CA THR B 269 5.73 -34.83 -1.89
C THR B 269 6.81 -33.80 -1.58
N PHE B 270 6.52 -32.51 -1.67
CA PHE B 270 7.55 -31.48 -1.49
C PHE B 270 7.09 -30.45 -0.47
N LYS B 271 8.08 -29.81 0.19
CA LYS B 271 7.79 -28.75 1.15
C LYS B 271 8.78 -27.61 0.94
N ILE B 272 8.29 -26.38 1.06
CA ILE B 272 9.11 -25.18 0.92
C ILE B 272 9.01 -24.39 2.21
N ASP B 273 10.17 -23.94 2.72
CA ASP B 273 10.20 -23.14 3.94
C ASP B 273 9.78 -21.71 3.61
N SER B 274 8.78 -21.20 4.34
CA SER B 274 8.22 -19.89 4.02
C SER B 274 9.23 -18.77 4.20
N GLU B 275 10.17 -18.91 5.14
CA GLU B 275 11.06 -17.80 5.49
C GLU B 275 12.37 -17.82 4.73
N ARG B 276 13.02 -18.98 4.66
CA ARG B 276 14.35 -19.10 4.06
C ARG B 276 14.36 -19.74 2.68
N GLY B 277 13.28 -20.41 2.28
CA GLY B 277 13.20 -20.95 0.93
C GLY B 277 13.87 -22.29 0.74
N HIS B 278 13.78 -23.18 1.72
CA HIS B 278 14.40 -24.51 1.64
C HIS B 278 13.41 -25.47 0.99
N LEU B 279 13.65 -25.79 -0.28
CA LEU B 279 12.85 -26.79 -0.98
C LEU B 279 13.38 -28.17 -0.63
N THR B 280 12.61 -28.91 0.16
CA THR B 280 12.98 -30.21 0.68
C THR B 280 11.94 -31.26 0.26
N LEU B 281 12.36 -32.51 0.35
CA LEU B 281 11.51 -33.64 0.02
C LEU B 281 10.66 -34.03 1.22
N PHE B 282 9.37 -34.28 0.98
CA PHE B 282 8.40 -34.63 2.00
C PHE B 282 8.03 -36.11 1.98
N LYS B 283 7.82 -36.66 0.79
CA LYS B 283 7.54 -38.07 0.60
C LYS B 283 8.41 -38.61 -0.51
N GLN B 284 9.02 -39.76 -0.26
CA GLN B 284 10.02 -40.32 -1.17
C GLN B 284 9.46 -40.45 -2.58
N VAL B 285 10.35 -40.54 -3.56
CA VAL B 285 9.97 -40.62 -4.95
C VAL B 285 10.11 -42.06 -5.43
N ASP B 286 9.46 -42.37 -6.55
CA ASP B 286 9.52 -43.69 -7.17
C ASP B 286 9.61 -43.49 -8.67
N TYR B 287 10.81 -43.68 -9.23
CA TYR B 287 10.99 -43.49 -10.67
C TYR B 287 10.04 -44.36 -11.48
N GLU B 288 9.61 -45.49 -10.91
CA GLU B 288 8.72 -46.39 -11.62
C GLU B 288 7.28 -45.89 -11.72
N ILE B 289 6.96 -44.76 -11.09
CA ILE B 289 5.60 -44.22 -11.06
C ILE B 289 5.51 -42.87 -11.75
N THR B 290 6.32 -41.90 -11.31
CA THR B 290 6.40 -40.59 -11.96
C THR B 290 7.85 -40.21 -12.08
N LYS B 291 8.26 -39.89 -13.31
CA LYS B 291 9.67 -39.66 -13.64
C LYS B 291 10.11 -38.22 -13.49
N SER B 292 9.19 -37.26 -13.44
CA SER B 292 9.57 -35.86 -13.39
C SER B 292 8.51 -35.05 -12.64
N TYR B 293 8.89 -33.83 -12.29
CA TYR B 293 8.00 -32.88 -11.63
C TYR B 293 8.29 -31.49 -12.16
N GLU B 294 7.24 -30.73 -12.42
CA GLU B 294 7.35 -29.33 -12.81
C GLU B 294 6.71 -28.53 -11.69
N ILE B 295 7.54 -28.02 -10.79
CA ILE B 295 7.09 -27.27 -9.63
C ILE B 295 7.11 -25.78 -9.97
N ASP B 296 6.06 -25.09 -9.57
CA ASP B 296 5.99 -23.64 -9.72
C ASP B 296 5.99 -23.06 -8.31
N VAL B 297 7.07 -22.39 -7.94
CA VAL B 297 7.23 -21.80 -6.61
C VAL B 297 7.16 -20.28 -6.76
N GLN B 298 6.55 -19.63 -5.78
CA GLN B 298 6.41 -18.18 -5.81
C GLN B 298 6.95 -17.58 -4.52
N ALA B 299 7.42 -16.34 -4.63
CA ALA B 299 7.89 -15.58 -3.48
C ALA B 299 7.31 -14.19 -3.58
N GLN B 300 6.60 -13.75 -2.53
CA GLN B 300 5.99 -12.43 -2.58
C GLN B 300 6.24 -11.71 -1.25
N ASP B 301 6.36 -10.39 -1.35
CA ASP B 301 6.58 -9.59 -0.15
C ASP B 301 5.27 -9.39 0.61
N LEU B 302 5.39 -8.92 1.84
CA LEU B 302 4.25 -8.70 2.71
C LEU B 302 3.71 -7.27 2.64
N GLY B 303 3.95 -6.57 1.53
CA GLY B 303 3.49 -5.22 1.37
C GLY B 303 2.18 -5.13 0.59
N PRO B 304 1.67 -3.93 0.44
CA PRO B 304 0.43 -3.73 -0.31
C PRO B 304 0.67 -3.77 -1.82
N ASN B 305 -0.41 -4.05 -2.54
CA ASN B 305 -0.37 -4.11 -4.01
C ASN B 305 0.83 -4.93 -4.49
N SER B 306 1.06 -6.06 -3.82
CA SER B 306 2.28 -6.83 -4.05
C SER B 306 2.12 -7.75 -5.25
N ILE B 307 3.10 -7.71 -6.14
CA ILE B 307 3.20 -8.64 -7.25
C ILE B 307 4.19 -9.73 -6.85
N PRO B 308 3.85 -11.00 -7.01
CA PRO B 308 4.79 -12.07 -6.63
C PRO B 308 5.77 -12.37 -7.76
N ALA B 309 6.89 -12.97 -7.35
CA ALA B 309 7.88 -13.50 -8.27
C ALA B 309 7.72 -15.02 -8.36
N HIS B 310 8.17 -15.58 -9.48
CA HIS B 310 7.95 -16.99 -9.75
C HIS B 310 9.22 -17.64 -10.27
N CYS B 311 9.43 -18.89 -9.84
CA CYS B 311 10.53 -19.70 -10.31
C CYS B 311 9.99 -21.10 -10.59
N LYS B 312 10.51 -21.72 -11.65
CA LYS B 312 10.10 -23.06 -12.05
C LYS B 312 11.24 -24.02 -11.71
N ILE B 313 10.89 -25.12 -11.04
CA ILE B 313 11.86 -26.12 -10.63
C ILE B 313 11.46 -27.42 -11.31
N ILE B 314 12.30 -27.89 -12.23
CA ILE B 314 12.10 -29.16 -12.92
C ILE B 314 12.92 -30.21 -12.20
N ILE B 315 12.25 -31.18 -11.60
CA ILE B 315 12.89 -32.30 -10.93
C ILE B 315 12.87 -33.49 -11.87
N LYS B 316 14.05 -33.90 -12.32
CA LYS B 316 14.21 -35.12 -13.10
C LYS B 316 14.56 -36.25 -12.15
N VAL B 317 13.68 -37.24 -12.04
CA VAL B 317 13.96 -38.41 -11.23
C VAL B 317 14.78 -39.39 -12.06
N VAL B 318 15.72 -40.08 -11.41
CA VAL B 318 16.60 -41.02 -12.08
C VAL B 318 16.40 -42.41 -11.48
N ASP B 319 16.44 -43.41 -12.35
CA ASP B 319 16.22 -44.79 -11.92
C ASP B 319 17.42 -45.31 -11.15
N VAL B 320 17.13 -46.03 -10.06
CA VAL B 320 18.12 -46.84 -9.37
C VAL B 320 17.59 -48.26 -9.32
N ASN B 321 18.48 -49.21 -9.06
CA ASN B 321 18.12 -50.62 -9.01
C ASN B 321 17.50 -50.89 -7.65
N ASP B 322 16.19 -50.65 -7.55
CA ASP B 322 15.43 -50.89 -6.33
C ASP B 322 14.31 -51.89 -6.52
N ASN B 323 14.36 -52.69 -7.59
CA ASN B 323 13.39 -53.76 -7.83
C ASN B 323 14.13 -55.03 -8.22
N LYS B 324 13.86 -56.13 -7.50
CA LYS B 324 14.50 -57.40 -7.82
C LYS B 324 13.78 -58.09 -8.97
N PRO B 325 14.49 -58.86 -9.80
CA PRO B 325 13.81 -59.58 -10.88
C PRO B 325 12.73 -60.49 -10.33
N GLU B 326 11.70 -60.69 -11.15
CA GLU B 326 10.56 -61.54 -10.83
C GLU B 326 10.59 -62.74 -11.77
N ILE B 327 10.39 -63.93 -11.21
CA ILE B 327 10.41 -65.18 -11.96
C ILE B 327 9.02 -65.80 -11.91
N ASN B 328 8.49 -66.16 -13.08
CA ASN B 328 7.26 -66.94 -13.19
C ASN B 328 7.60 -68.23 -13.93
N ILE B 329 7.42 -69.36 -13.26
CA ILE B 329 7.63 -70.68 -13.83
C ILE B 329 6.28 -71.35 -13.99
N ASN B 330 5.97 -71.82 -15.20
CA ASN B 330 4.73 -72.52 -15.46
C ASN B 330 5.03 -73.95 -15.89
N LEU B 331 4.17 -74.87 -15.45
CA LEU B 331 4.37 -76.30 -15.60
C LEU B 331 3.06 -76.97 -15.99
N MET B 332 3.16 -78.24 -16.38
CA MET B 332 1.96 -79.03 -16.65
C MET B 332 1.16 -79.32 -15.38
N SER B 333 1.85 -79.59 -14.28
CA SER B 333 1.17 -79.97 -13.05
C SER B 333 0.22 -78.87 -12.57
N PRO B 334 -1.08 -79.16 -12.39
CA PRO B 334 -2.01 -78.12 -11.92
C PRO B 334 -1.93 -77.82 -10.42
N GLY B 335 -1.39 -78.72 -9.61
CA GLY B 335 -1.59 -78.63 -8.16
C GLY B 335 -0.43 -78.03 -7.40
N LYS B 336 0.78 -78.48 -7.68
CA LYS B 336 1.96 -78.11 -6.90
C LYS B 336 3.16 -78.06 -7.83
N GLU B 337 4.30 -77.64 -7.29
CA GLU B 337 5.45 -77.24 -8.08
C GLU B 337 6.29 -78.40 -8.61
N GLU B 338 5.76 -79.61 -8.72
CA GLU B 338 6.51 -80.71 -9.28
C GLU B 338 6.05 -80.88 -10.72
N ILE B 339 7.01 -81.00 -11.63
CA ILE B 339 6.68 -81.21 -13.04
C ILE B 339 6.70 -82.71 -13.26
N SER B 340 5.55 -83.26 -13.66
CA SER B 340 5.48 -84.68 -13.95
C SER B 340 6.02 -84.89 -15.37
N TYR B 341 6.98 -85.80 -15.48
CA TYR B 341 7.69 -86.07 -16.71
C TYR B 341 7.34 -87.46 -17.21
N ILE B 342 7.35 -87.63 -18.54
CA ILE B 342 6.97 -88.93 -19.09
C ILE B 342 7.86 -89.98 -18.45
N PHE B 343 7.23 -90.96 -17.80
CA PHE B 343 7.98 -92.04 -17.17
C PHE B 343 8.91 -92.71 -18.18
N GLU B 344 8.42 -92.98 -19.39
CA GLU B 344 9.25 -93.71 -20.35
C GLU B 344 10.32 -92.79 -20.92
N GLY B 345 11.42 -93.41 -21.36
CA GLY B 345 12.52 -92.70 -21.98
C GLY B 345 12.07 -91.73 -23.04
N ASP B 346 12.30 -90.45 -22.80
CA ASP B 346 11.87 -89.40 -23.69
C ASP B 346 12.98 -88.98 -24.63
N PRO B 347 12.66 -88.23 -25.67
CA PRO B 347 13.69 -87.74 -26.58
C PRO B 347 14.31 -86.47 -26.05
N ILE B 348 15.32 -85.98 -26.79
CA ILE B 348 15.99 -84.76 -26.40
C ILE B 348 15.08 -83.56 -26.66
N ASP B 349 15.34 -82.48 -25.93
CA ASP B 349 14.59 -81.23 -26.07
C ASP B 349 13.09 -81.46 -25.90
N THR B 350 12.71 -82.08 -24.79
CA THR B 350 11.31 -82.29 -24.44
C THR B 350 10.87 -81.23 -23.45
N PHE B 351 9.72 -80.61 -23.71
CA PHE B 351 9.24 -79.54 -22.83
C PHE B 351 9.21 -79.99 -21.37
N VAL B 352 9.86 -79.23 -20.52
CA VAL B 352 9.81 -79.39 -19.08
C VAL B 352 9.09 -78.22 -18.42
N ALA B 353 9.50 -76.99 -18.73
CA ALA B 353 8.90 -75.84 -18.07
C ALA B 353 8.98 -74.61 -18.96
N LEU B 354 8.03 -73.70 -18.77
CA LEU B 354 8.11 -72.37 -19.36
C LEU B 354 8.54 -71.37 -18.29
N VAL B 355 9.45 -70.47 -18.62
CA VAL B 355 9.97 -69.52 -17.64
C VAL B 355 9.95 -68.11 -18.22
N ARG B 356 9.37 -67.18 -17.46
CA ARG B 356 9.35 -65.76 -17.80
C ARG B 356 9.98 -64.97 -16.65
N VAL B 357 10.78 -63.96 -16.99
CA VAL B 357 11.37 -63.08 -16.00
C VAL B 357 11.04 -61.62 -16.36
N GLN B 358 11.03 -60.75 -15.35
CA GLN B 358 10.79 -59.34 -15.61
C GLN B 358 11.36 -58.49 -14.49
N ASP B 359 11.54 -57.20 -14.78
CA ASP B 359 12.12 -56.26 -13.82
C ASP B 359 11.48 -54.89 -14.00
N LYS B 360 10.96 -54.33 -12.90
CA LYS B 360 10.29 -53.04 -12.95
C LYS B 360 11.23 -51.93 -13.44
N ASP B 361 12.52 -52.03 -13.13
CA ASP B 361 13.46 -50.95 -13.38
C ASP B 361 13.66 -50.73 -14.87
N SER B 362 14.65 -49.90 -15.21
CA SER B 362 14.94 -49.54 -16.59
C SER B 362 16.44 -49.63 -16.81
N GLY B 363 16.85 -49.61 -18.08
CA GLY B 363 18.25 -49.73 -18.40
C GLY B 363 18.83 -51.04 -17.88
N LEU B 364 20.11 -50.99 -17.52
CA LEU B 364 20.76 -52.20 -16.98
C LEU B 364 20.07 -52.68 -15.73
N ASN B 365 19.55 -51.77 -14.90
CA ASN B 365 18.83 -52.18 -13.69
C ASN B 365 17.66 -53.08 -14.02
N GLY B 366 17.17 -53.07 -15.26
CA GLY B 366 16.04 -53.87 -15.66
C GLY B 366 16.41 -54.99 -16.60
N GLU B 367 17.70 -55.08 -16.94
CA GLU B 367 18.20 -56.17 -17.76
C GLU B 367 18.48 -57.38 -16.88
N ILE B 368 17.99 -58.54 -17.29
CA ILE B 368 18.04 -59.75 -16.48
C ILE B 368 18.93 -60.78 -17.15
N VAL B 369 19.79 -61.40 -16.35
CA VAL B 369 20.50 -62.61 -16.72
C VAL B 369 19.80 -63.77 -16.04
N CYS B 370 19.38 -64.76 -16.83
CA CYS B 370 18.71 -65.93 -16.30
C CYS B 370 19.61 -67.15 -16.48
N LYS B 371 19.79 -67.91 -15.41
CA LYS B 371 20.66 -69.08 -15.43
C LYS B 371 19.97 -70.25 -14.77
N LEU B 372 20.20 -71.44 -15.31
CA LEU B 372 19.58 -72.65 -14.80
C LEU B 372 20.63 -73.48 -14.08
N HIS B 373 20.36 -73.82 -12.83
CA HIS B 373 21.25 -74.63 -12.03
C HIS B 373 20.45 -75.84 -11.55
N GLY B 374 21.12 -76.95 -11.33
CA GLY B 374 20.41 -78.16 -10.96
C GLY B 374 21.36 -79.33 -10.87
N HIS B 375 20.80 -80.51 -10.63
CA HIS B 375 21.63 -81.70 -10.52
C HIS B 375 22.36 -81.96 -11.83
N GLY B 376 21.63 -82.07 -12.94
CA GLY B 376 22.33 -82.25 -14.19
C GLY B 376 21.51 -82.56 -15.43
N HIS B 377 22.12 -82.26 -16.58
CA HIS B 377 21.58 -82.57 -17.90
C HIS B 377 20.18 -81.97 -18.10
N PHE B 378 20.12 -80.65 -17.98
CA PHE B 378 18.98 -79.85 -18.41
C PHE B 378 19.50 -78.62 -19.13
N LYS B 379 18.68 -78.05 -20.00
CA LYS B 379 19.10 -76.92 -20.80
C LYS B 379 18.05 -75.81 -20.72
N LEU B 380 18.51 -74.58 -20.54
CA LEU B 380 17.63 -73.41 -20.47
C LEU B 380 17.75 -72.65 -21.79
N GLN B 381 16.79 -72.85 -22.69
CA GLN B 381 16.84 -72.30 -24.03
C GLN B 381 15.93 -71.08 -24.13
N LYS B 382 16.48 -69.99 -24.66
CA LYS B 382 15.74 -68.75 -24.82
C LYS B 382 14.77 -68.87 -25.99
N THR B 383 13.57 -68.32 -25.81
CA THR B 383 12.57 -68.20 -26.86
C THR B 383 12.43 -66.77 -27.34
N TYR B 384 12.30 -65.82 -26.43
CA TYR B 384 12.40 -64.40 -26.78
C TYR B 384 12.89 -63.66 -25.54
N GLU B 385 12.94 -62.33 -25.64
CA GLU B 385 13.53 -61.53 -24.57
C GLU B 385 12.88 -61.87 -23.23
N ASN B 386 13.71 -62.24 -22.27
CA ASN B 386 13.29 -62.53 -20.90
C ASN B 386 12.33 -63.71 -20.80
N ASN B 387 12.16 -64.48 -21.87
CA ASN B 387 11.30 -65.66 -21.87
C ASN B 387 12.07 -66.85 -22.42
N TYR B 388 12.29 -67.84 -21.57
CA TYR B 388 13.06 -69.04 -21.88
C TYR B 388 12.23 -70.30 -21.67
N LEU B 389 12.80 -71.41 -22.13
CA LEU B 389 12.24 -72.75 -22.01
C LEU B 389 13.22 -73.64 -21.26
N ILE B 390 12.68 -74.52 -20.42
CA ILE B 390 13.46 -75.56 -19.77
C ILE B 390 13.13 -76.88 -20.46
N LEU B 391 14.14 -77.49 -21.06
CA LEU B 391 14.04 -78.73 -21.80
C LEU B 391 15.04 -79.74 -21.23
N THR B 392 15.07 -80.93 -21.81
CA THR B 392 16.02 -81.96 -21.44
C THR B 392 17.15 -82.01 -22.46
N ASN B 393 18.30 -82.51 -22.01
CA ASN B 393 19.49 -82.46 -22.86
C ASN B 393 20.14 -83.82 -23.09
N ALA B 394 19.58 -84.90 -22.57
CA ALA B 394 20.16 -86.23 -22.76
C ALA B 394 19.06 -87.27 -22.58
N THR B 395 19.36 -88.50 -23.00
CA THR B 395 18.40 -89.58 -22.88
C THR B 395 18.10 -89.83 -21.41
N LEU B 396 16.82 -89.83 -21.07
CA LEU B 396 16.41 -89.97 -19.68
C LEU B 396 16.43 -91.45 -19.31
N ASP B 397 17.61 -91.94 -18.96
CA ASP B 397 17.70 -93.27 -18.40
C ASP B 397 17.19 -93.18 -16.96
N ARG B 398 16.02 -93.77 -16.72
CA ARG B 398 15.43 -93.68 -15.38
C ARG B 398 16.37 -94.22 -14.33
N GLU B 399 17.15 -95.24 -14.70
CA GLU B 399 18.00 -95.95 -13.75
C GLU B 399 18.90 -95.02 -12.96
N LYS B 400 19.32 -93.90 -13.54
CA LYS B 400 20.31 -93.06 -12.89
C LYS B 400 19.73 -92.47 -11.60
N ARG B 401 18.68 -91.66 -11.74
CA ARG B 401 17.99 -91.08 -10.59
C ARG B 401 16.58 -90.71 -11.03
N SER B 402 15.63 -90.75 -10.09
CA SER B 402 14.24 -90.46 -10.40
C SER B 402 13.83 -89.04 -10.03
N GLU B 403 14.31 -88.50 -8.91
CA GLU B 403 13.98 -87.15 -8.48
C GLU B 403 15.12 -86.19 -8.86
N TYR B 404 14.74 -85.08 -9.50
CA TYR B 404 15.66 -83.99 -9.78
C TYR B 404 15.12 -82.76 -9.06
N SER B 405 15.99 -81.89 -8.59
CA SER B 405 15.57 -80.60 -8.05
C SER B 405 16.33 -79.52 -8.81
N LEU B 406 15.59 -78.60 -9.42
CA LEU B 406 16.15 -77.55 -10.24
C LEU B 406 15.89 -76.19 -9.61
N THR B 407 16.86 -75.30 -9.80
CA THR B 407 16.83 -73.95 -9.26
C THR B 407 17.08 -72.97 -10.39
N VAL B 408 16.23 -71.95 -10.50
CA VAL B 408 16.34 -70.92 -11.52
C VAL B 408 16.84 -69.64 -10.88
N ILE B 409 17.78 -68.99 -11.57
CA ILE B 409 18.43 -67.75 -11.14
C ILE B 409 18.00 -66.62 -12.06
N ALA B 410 17.48 -65.56 -11.46
CA ALA B 410 17.26 -64.29 -12.15
C ALA B 410 18.11 -63.24 -11.45
N GLU B 411 19.05 -62.65 -12.19
CA GLU B 411 19.99 -61.68 -11.63
C GLU B 411 20.10 -60.52 -12.60
N ASP B 412 19.69 -59.33 -12.15
CA ASP B 412 19.72 -58.19 -13.06
C ASP B 412 21.13 -57.62 -13.16
N ARG B 413 21.35 -56.83 -14.20
CA ARG B 413 22.66 -56.24 -14.48
C ARG B 413 22.86 -54.90 -13.78
N GLY B 414 22.14 -54.65 -12.70
CA GLY B 414 22.27 -53.42 -11.94
C GLY B 414 23.46 -53.43 -11.02
N THR B 415 23.66 -52.30 -10.35
CA THR B 415 24.76 -52.13 -9.42
C THR B 415 24.33 -51.27 -8.24
N PRO B 416 24.12 -51.88 -7.06
CA PRO B 416 24.28 -53.29 -6.70
C PRO B 416 23.27 -54.20 -7.40
N SER B 417 23.70 -55.40 -7.79
CA SER B 417 22.81 -56.34 -8.46
C SER B 417 21.81 -56.95 -7.48
N LEU B 418 20.63 -57.27 -8.01
CA LEU B 418 19.58 -57.93 -7.25
C LEU B 418 19.23 -59.25 -7.92
N SER B 419 18.67 -60.18 -7.15
CA SER B 419 18.45 -61.53 -7.67
C SER B 419 17.27 -62.20 -6.99
N THR B 420 16.65 -63.11 -7.74
CA THR B 420 15.58 -63.96 -7.25
C THR B 420 15.90 -65.39 -7.64
N VAL B 421 15.43 -66.34 -6.84
CA VAL B 421 15.71 -67.76 -7.02
C VAL B 421 14.39 -68.52 -6.90
N LYS B 422 14.16 -69.46 -7.83
CA LYS B 422 13.00 -70.35 -7.74
C LYS B 422 13.47 -71.80 -7.68
N HIS B 423 12.65 -72.64 -7.05
CA HIS B 423 12.96 -74.04 -6.86
C HIS B 423 11.78 -74.89 -7.33
N PHE B 424 12.07 -75.99 -8.03
CA PHE B 424 11.02 -76.94 -8.39
C PHE B 424 11.65 -78.26 -8.78
N THR B 425 10.93 -79.35 -8.54
CA THR B 425 11.47 -80.69 -8.73
C THR B 425 10.88 -81.34 -9.97
N VAL B 426 11.66 -82.22 -10.57
CA VAL B 426 11.31 -82.95 -11.77
C VAL B 426 11.31 -84.44 -11.41
N GLN B 427 10.12 -85.02 -11.31
CA GLN B 427 10.00 -86.47 -11.14
C GLN B 427 9.79 -87.14 -12.49
N ILE B 428 10.46 -88.26 -12.68
CA ILE B 428 10.41 -88.99 -13.93
C ILE B 428 9.81 -90.38 -13.73
#